data_4XKJ
#
_entry.id   4XKJ
#
_cell.length_a   61.263
_cell.length_b   109.505
_cell.length_c   113.003
_cell.angle_alpha   90.00
_cell.angle_beta   90.00
_cell.angle_gamma   90.00
#
_symmetry.space_group_name_H-M   'P 21 21 21'
#
loop_
_entity.id
_entity.type
_entity.pdbx_description
1 polymer 'D-lactate dehydrogenase'
2 non-polymer NICOTINAMIDE-ADENINE-DINUCLEOTIDE
#
_entity_poly.entity_id   1
_entity_poly.type   'polypeptide(L)'
_entity_poly.pdbx_seq_one_letter_code
;MKIIMFSVRDDEEAAIREWEKKTGVQVDINRLELDAETAQLTKGYDGIVIQQRSHISNPAVYETLQKNGLRQLTSRTAGY
DMIDLEQASERGLVVTNVPAYSPNSVAELALTQTMRLIRNLPLFDARGAEQDFRWAGLMAREIRSLTVGIIGAGRIGGTV
ARLFKALGATVIANDIVERVELKDIVTYVSKEELLQAADVVTLHVPLMDSTTQLIDADALALMKNDAVLINASRGPVVDT
DALIAALQNKQIAGAALDTLNGEEHFFNQDLCGKELPSEQLKVLRTLPNVLITPHIGFYTNKAVQNMVEISLNDVLAILK
TGTSEHQLNKVAVEN
;
_entity_poly.pdbx_strand_id   A,B
#
loop_
_chem_comp.id
_chem_comp.type
_chem_comp.name
_chem_comp.formula
NAD non-polymer NICOTINAMIDE-ADENINE-DINUCLEOTIDE 'C21 H27 N7 O14 P2'
#
# COMPACT_ATOMS: atom_id res chain seq x y z
N MET A 1 -11.15 2.76 -44.25
CA MET A 1 -10.26 1.91 -43.45
C MET A 1 -11.06 1.04 -42.48
N LYS A 2 -10.59 -0.20 -42.26
CA LYS A 2 -11.07 -1.02 -41.16
C LYS A 2 -10.01 -2.02 -40.63
N ILE A 3 -10.03 -2.24 -39.31
CA ILE A 3 -9.02 -3.06 -38.62
C ILE A 3 -9.65 -4.12 -37.74
N ILE A 4 -9.15 -5.34 -37.82
CA ILE A 4 -9.64 -6.41 -36.94
C ILE A 4 -8.82 -6.48 -35.66
N MET A 5 -9.50 -6.45 -34.52
CA MET A 5 -8.81 -6.58 -33.24
C MET A 5 -9.15 -7.89 -32.54
N PHE A 6 -8.14 -8.48 -31.91
CA PHE A 6 -8.24 -9.85 -31.39
C PHE A 6 -8.18 -9.91 -29.86
N SER A 7 -8.67 -11.01 -29.31
CA SER A 7 -8.46 -11.34 -27.90
C SER A 7 -8.92 -10.22 -26.99
N VAL A 8 -9.84 -9.38 -27.47
CA VAL A 8 -10.24 -8.18 -26.73
C VAL A 8 -10.98 -8.56 -25.45
N ARG A 9 -10.91 -7.70 -24.45
CA ARG A 9 -11.59 -7.95 -23.18
C ARG A 9 -12.61 -6.85 -22.92
N ASP A 10 -13.52 -7.13 -22.00
CA ASP A 10 -14.50 -6.15 -21.55
C ASP A 10 -13.87 -4.79 -21.16
N ASP A 11 -12.76 -4.83 -20.43
CA ASP A 11 -12.05 -3.60 -20.04
C ASP A 11 -11.55 -2.79 -21.24
N GLU A 12 -11.20 -3.47 -22.32
CA GLU A 12 -10.69 -2.82 -23.51
C GLU A 12 -11.77 -2.12 -24.36
N GLU A 13 -12.97 -2.69 -24.40
CA GLU A 13 -14.05 -2.23 -25.30
C GLU A 13 -14.29 -0.72 -25.26
N ALA A 14 -14.52 -0.18 -24.07
CA ALA A 14 -14.74 1.25 -23.90
C ALA A 14 -13.60 2.12 -24.46
N ALA A 15 -12.35 1.71 -24.23
CA ALA A 15 -11.19 2.45 -24.71
C ALA A 15 -11.04 2.33 -26.23
N ILE A 16 -11.32 1.15 -26.76
CA ILE A 16 -11.33 0.96 -28.21
C ILE A 16 -12.32 1.93 -28.86
N ARG A 17 -13.61 1.73 -28.61
CA ARG A 17 -14.67 2.48 -29.29
C ARG A 17 -14.41 3.99 -29.30
N GLU A 18 -13.87 4.51 -28.19
CA GLU A 18 -13.48 5.92 -28.11
C GLU A 18 -12.50 6.31 -29.20
N TRP A 19 -11.65 5.36 -29.58
CA TRP A 19 -10.66 5.57 -30.63
C TRP A 19 -11.34 5.56 -32.01
N GLU A 20 -12.21 4.56 -32.23
CA GLU A 20 -13.00 4.48 -33.45
C GLU A 20 -13.67 5.82 -33.70
N LYS A 21 -14.35 6.30 -32.66
CA LYS A 21 -15.00 7.60 -32.67
C LYS A 21 -14.03 8.71 -33.07
N LYS A 22 -12.84 8.70 -32.46
CA LYS A 22 -11.84 9.74 -32.66
C LYS A 22 -11.30 9.79 -34.09
N THR A 23 -10.86 8.64 -34.60
CA THR A 23 -10.27 8.56 -35.95
C THR A 23 -11.21 8.22 -37.10
N GLY A 24 -12.43 7.80 -36.76
CA GLY A 24 -13.39 7.35 -37.75
C GLY A 24 -12.98 6.04 -38.42
N VAL A 25 -11.87 5.47 -37.99
CA VAL A 25 -11.46 4.14 -38.45
C VAL A 25 -12.35 3.09 -37.77
N GLN A 26 -12.82 2.12 -38.54
CA GLN A 26 -13.70 1.12 -37.97
C GLN A 26 -12.91 -0.07 -37.46
N VAL A 27 -12.95 -0.31 -36.16
CA VAL A 27 -12.37 -1.54 -35.61
C VAL A 27 -13.45 -2.50 -35.12
N ASP A 28 -13.42 -3.70 -35.68
CA ASP A 28 -14.34 -4.76 -35.31
C ASP A 28 -13.57 -5.72 -34.42
N ILE A 29 -14.19 -6.20 -33.36
CA ILE A 29 -13.46 -6.93 -32.33
C ILE A 29 -13.82 -8.42 -32.25
N ASN A 30 -13.12 -9.15 -31.39
CA ASN A 30 -13.53 -10.50 -30.97
C ASN A 30 -12.59 -11.12 -29.95
N ARG A 31 -13.09 -12.09 -29.20
CA ARG A 31 -12.37 -12.66 -28.05
C ARG A 31 -11.49 -13.81 -28.55
N LEU A 32 -11.48 -13.96 -29.86
CA LEU A 32 -10.70 -14.98 -30.54
C LEU A 32 -9.20 -14.72 -30.42
N GLU A 33 -8.42 -15.79 -30.42
CA GLU A 33 -6.97 -15.70 -30.57
C GLU A 33 -6.64 -16.06 -32.04
N LEU A 34 -5.55 -15.52 -32.57
CA LEU A 34 -5.22 -15.74 -33.99
C LEU A 34 -4.60 -17.13 -34.20
N ASP A 35 -5.27 -17.99 -34.96
CA ASP A 35 -4.68 -19.29 -35.28
C ASP A 35 -4.68 -19.73 -36.77
N ALA A 36 -5.84 -20.17 -37.27
CA ALA A 36 -5.89 -20.92 -38.52
C ALA A 36 -6.88 -20.40 -39.56
N GLU A 37 -8.18 -20.60 -39.32
CA GLU A 37 -9.20 -20.07 -40.23
C GLU A 37 -9.44 -18.61 -39.86
N THR A 38 -8.85 -18.23 -38.73
CA THR A 38 -8.78 -16.85 -38.29
C THR A 38 -8.01 -16.00 -39.30
N ALA A 39 -7.31 -16.65 -40.21
CA ALA A 39 -6.65 -15.98 -41.32
C ALA A 39 -7.62 -15.10 -42.11
N GLN A 40 -8.59 -15.72 -42.78
CA GLN A 40 -9.57 -14.98 -43.60
C GLN A 40 -10.42 -14.03 -42.74
N LEU A 41 -10.34 -14.18 -41.42
CA LEU A 41 -11.05 -13.27 -40.54
C LEU A 41 -10.59 -11.87 -40.87
N THR A 42 -9.42 -11.80 -41.49
CA THR A 42 -8.77 -10.55 -41.87
C THR A 42 -9.30 -10.03 -43.20
N LYS A 43 -10.27 -10.73 -43.78
CA LYS A 43 -10.65 -10.53 -45.18
C LYS A 43 -10.80 -9.07 -45.57
N GLY A 44 -11.83 -8.41 -45.07
CA GLY A 44 -12.15 -7.06 -45.48
C GLY A 44 -11.24 -6.06 -44.82
N TYR A 45 -10.46 -6.56 -43.85
CA TYR A 45 -9.68 -5.70 -42.98
C TYR A 45 -8.29 -5.37 -43.53
N ASP A 46 -7.85 -4.13 -43.29
CA ASP A 46 -6.56 -3.62 -43.77
C ASP A 46 -5.44 -3.69 -42.73
N GLY A 47 -5.78 -4.16 -41.53
CA GLY A 47 -4.82 -4.25 -40.46
C GLY A 47 -5.27 -5.19 -39.37
N ILE A 48 -4.31 -5.68 -38.58
CA ILE A 48 -4.61 -6.64 -37.52
C ILE A 48 -3.80 -6.35 -36.26
N VAL A 49 -4.44 -6.47 -35.10
CA VAL A 49 -3.75 -6.35 -33.82
C VAL A 49 -4.18 -7.44 -32.86
N ILE A 50 -3.22 -7.99 -32.09
CA ILE A 50 -3.43 -9.20 -31.31
C ILE A 50 -2.96 -9.07 -29.88
N GLN A 51 -3.66 -9.72 -28.97
CA GLN A 51 -3.11 -9.91 -27.64
C GLN A 51 -3.18 -11.37 -27.24
N GLN A 52 -2.04 -12.04 -27.25
CA GLN A 52 -2.00 -13.45 -26.89
C GLN A 52 -0.61 -13.96 -26.49
N ARG A 53 -0.60 -15.01 -25.70
CA ARG A 53 0.64 -15.70 -25.36
C ARG A 53 1.10 -16.73 -26.42
N SER A 54 0.13 -17.42 -27.05
CA SER A 54 0.38 -18.49 -28.03
C SER A 54 1.23 -18.07 -29.23
N HIS A 55 2.32 -18.80 -29.45
CA HIS A 55 3.24 -18.48 -30.53
C HIS A 55 2.67 -18.94 -31.90
N ILE A 56 3.10 -18.27 -32.96
CA ILE A 56 2.68 -18.63 -34.32
C ILE A 56 3.90 -18.78 -35.25
N SER A 57 4.20 -20.01 -35.66
CA SER A 57 5.21 -20.30 -36.68
C SER A 57 4.68 -20.66 -38.10
N ASN A 58 3.36 -20.81 -38.23
CA ASN A 58 2.74 -21.33 -39.46
C ASN A 58 2.49 -20.28 -40.55
N PRO A 59 3.07 -20.49 -41.75
CA PRO A 59 2.98 -19.57 -42.90
C PRO A 59 1.59 -19.49 -43.58
N ALA A 60 0.71 -20.44 -43.30
CA ALA A 60 -0.64 -20.46 -43.89
C ALA A 60 -1.49 -19.33 -43.32
N VAL A 61 -0.94 -18.63 -42.34
CA VAL A 61 -1.55 -17.38 -41.88
C VAL A 61 -0.88 -16.24 -42.65
N TYR A 62 0.43 -16.12 -42.48
CA TYR A 62 1.23 -15.06 -43.11
C TYR A 62 0.96 -14.81 -44.61
N GLU A 63 0.86 -15.87 -45.41
CA GLU A 63 0.51 -15.68 -46.82
C GLU A 63 -0.90 -15.10 -46.92
N THR A 64 -1.82 -15.67 -46.13
CA THR A 64 -3.19 -15.16 -46.07
C THR A 64 -3.18 -13.67 -45.78
N LEU A 65 -2.51 -13.30 -44.68
CA LEU A 65 -2.37 -11.91 -44.29
C LEU A 65 -1.68 -11.08 -45.38
N GLN A 66 -0.83 -11.71 -46.18
CA GLN A 66 -0.21 -11.03 -47.31
C GLN A 66 -1.24 -10.77 -48.41
N LYS A 67 -1.91 -11.85 -48.81
CA LYS A 67 -2.91 -11.82 -49.86
C LYS A 67 -4.12 -10.95 -49.49
N ASN A 68 -4.59 -11.08 -48.25
CA ASN A 68 -5.72 -10.29 -47.79
C ASN A 68 -5.36 -8.81 -47.71
N GLY A 69 -4.08 -8.51 -47.93
CA GLY A 69 -3.62 -7.14 -48.09
C GLY A 69 -3.10 -6.50 -46.82
N LEU A 70 -2.87 -7.31 -45.79
CA LEU A 70 -2.38 -6.81 -44.51
C LEU A 70 -0.87 -6.59 -44.60
N ARG A 71 -0.46 -5.37 -44.30
CA ARG A 71 0.94 -4.96 -44.43
C ARG A 71 1.71 -5.04 -43.12
N GLN A 72 1.04 -5.50 -42.05
CA GLN A 72 1.62 -5.44 -40.70
C GLN A 72 0.99 -6.43 -39.71
N LEU A 73 1.71 -6.68 -38.62
CA LEU A 73 1.19 -7.47 -37.51
C LEU A 73 1.52 -6.72 -36.21
N THR A 74 0.51 -6.23 -35.49
CA THR A 74 0.78 -5.43 -34.29
C THR A 74 0.29 -6.05 -32.98
N SER A 75 1.17 -6.09 -31.99
CA SER A 75 0.86 -6.63 -30.67
C SER A 75 0.57 -5.49 -29.70
N ARG A 76 -0.47 -5.66 -28.90
CA ARG A 76 -0.90 -4.66 -27.92
C ARG A 76 -0.17 -4.79 -26.59
N THR A 77 0.72 -5.77 -26.49
CA THR A 77 1.48 -5.93 -25.27
C THR A 77 2.93 -5.61 -25.60
N ALA A 78 3.78 -5.59 -24.59
CA ALA A 78 5.19 -5.31 -24.84
C ALA A 78 5.88 -6.54 -25.41
N GLY A 79 5.27 -7.71 -25.23
CA GLY A 79 5.81 -8.94 -25.79
C GLY A 79 5.71 -9.10 -27.30
N TYR A 80 6.84 -9.33 -27.95
CA TYR A 80 6.89 -9.85 -29.33
C TYR A 80 7.21 -11.36 -29.43
N ASP A 81 7.34 -12.04 -28.29
CA ASP A 81 7.82 -13.43 -28.20
C ASP A 81 7.10 -14.47 -29.07
N MET A 82 5.85 -14.19 -29.43
CA MET A 82 5.03 -15.17 -30.14
C MET A 82 5.06 -15.01 -31.67
N ILE A 83 5.90 -14.09 -32.15
CA ILE A 83 5.90 -13.71 -33.56
C ILE A 83 7.16 -14.18 -34.32
N ASP A 84 6.97 -14.58 -35.59
CA ASP A 84 8.07 -15.03 -36.47
C ASP A 84 8.79 -13.90 -37.24
N LEU A 85 10.11 -13.86 -37.14
CA LEU A 85 10.91 -12.80 -37.76
C LEU A 85 11.17 -13.00 -39.27
N GLU A 86 11.45 -14.24 -39.70
CA GLU A 86 11.58 -14.56 -41.14
C GLU A 86 10.30 -14.20 -41.90
N GLN A 87 9.25 -14.96 -41.61
CA GLN A 87 8.00 -14.84 -42.33
C GLN A 87 7.41 -13.43 -42.27
N ALA A 88 7.59 -12.75 -41.15
CA ALA A 88 7.13 -11.38 -41.01
C ALA A 88 7.65 -10.49 -42.15
N SER A 89 8.96 -10.22 -42.15
CA SER A 89 9.54 -9.25 -43.08
C SER A 89 9.41 -9.59 -44.56
N GLU A 90 9.30 -10.88 -44.87
CA GLU A 90 9.14 -11.37 -46.25
C GLU A 90 7.70 -11.36 -46.80
N ARG A 91 6.71 -11.57 -45.93
CA ARG A 91 5.32 -11.76 -46.35
C ARG A 91 4.62 -10.44 -46.65
N GLY A 92 5.35 -9.34 -46.48
CA GLY A 92 4.79 -8.02 -46.62
C GLY A 92 4.41 -7.51 -45.24
N LEU A 93 4.61 -8.36 -44.24
CA LEU A 93 4.15 -8.09 -42.87
C LEU A 93 5.21 -7.45 -41.98
N VAL A 94 5.00 -6.19 -41.62
CA VAL A 94 5.80 -5.51 -40.60
C VAL A 94 5.33 -6.01 -39.25
N VAL A 95 6.18 -5.93 -38.23
CA VAL A 95 5.69 -6.23 -36.88
C VAL A 95 6.09 -5.20 -35.79
N THR A 96 5.07 -4.58 -35.21
CA THR A 96 5.24 -3.61 -34.15
C THR A 96 4.51 -4.09 -32.91
N ASN A 97 4.99 -3.67 -31.74
CA ASN A 97 4.35 -3.95 -30.46
C ASN A 97 4.14 -2.64 -29.72
N VAL A 98 3.72 -2.72 -28.46
CA VAL A 98 3.85 -1.57 -27.56
C VAL A 98 4.98 -1.85 -26.54
N PRO A 99 6.10 -1.12 -26.67
CA PRO A 99 7.25 -1.31 -25.79
C PRO A 99 6.96 -0.86 -24.36
N ALA A 100 6.35 0.31 -24.22
CA ALA A 100 6.01 0.80 -22.89
C ALA A 100 4.64 1.45 -22.85
N TYR A 101 3.82 0.92 -21.96
CA TYR A 101 2.56 1.53 -21.59
C TYR A 101 2.76 2.14 -20.21
N SER A 102 1.70 2.73 -19.66
CA SER A 102 1.88 3.56 -18.47
C SER A 102 2.72 2.87 -17.41
N PRO A 103 3.86 3.47 -17.06
CA PRO A 103 4.86 3.01 -16.10
C PRO A 103 4.40 3.11 -14.65
N ASN A 104 3.42 3.98 -14.39
CA ASN A 104 2.86 4.15 -13.05
C ASN A 104 1.94 3.01 -12.65
N SER A 105 1.47 2.24 -13.61
CA SER A 105 0.69 1.07 -13.26
C SER A 105 1.56 0.19 -12.39
N VAL A 106 2.70 -0.26 -12.94
CA VAL A 106 3.56 -1.19 -12.24
C VAL A 106 4.19 -0.56 -11.01
N ALA A 107 4.67 0.66 -11.15
CA ALA A 107 5.28 1.35 -10.01
C ALA A 107 4.32 1.33 -8.81
N GLU A 108 3.09 1.79 -9.03
CA GLU A 108 2.13 1.90 -7.94
C GLU A 108 1.73 0.56 -7.32
N LEU A 109 1.84 -0.54 -8.06
CA LEU A 109 1.62 -1.84 -7.43
C LEU A 109 2.72 -2.16 -6.41
N ALA A 110 3.97 -2.01 -6.84
CA ALA A 110 5.08 -2.22 -5.94
C ALA A 110 5.03 -1.23 -4.76
N LEU A 111 4.58 0.01 -5.00
CA LEU A 111 4.42 0.94 -3.88
C LEU A 111 3.37 0.45 -2.88
N THR A 112 2.24 0.01 -3.40
CA THR A 112 1.19 -0.58 -2.58
C THR A 112 1.69 -1.80 -1.82
N GLN A 113 2.01 -2.85 -2.55
CA GLN A 113 2.48 -4.05 -1.90
C GLN A 113 3.67 -3.76 -0.96
N THR A 114 4.55 -2.83 -1.30
CA THR A 114 5.59 -2.47 -0.34
C THR A 114 4.97 -1.91 0.92
N MET A 115 4.17 -0.85 0.77
CA MET A 115 3.51 -0.21 1.91
C MET A 115 2.73 -1.18 2.79
N ARG A 116 2.07 -2.15 2.15
CA ARG A 116 1.34 -3.17 2.86
C ARG A 116 2.27 -3.92 3.82
N LEU A 117 3.45 -4.28 3.33
CA LEU A 117 4.41 -5.08 4.09
C LEU A 117 5.10 -4.27 5.17
N ILE A 118 5.37 -3.01 4.87
CA ILE A 118 6.08 -2.16 5.80
C ILE A 118 5.21 -1.99 7.02
N ARG A 119 3.91 -2.10 6.79
CA ARG A 119 2.91 -1.90 7.81
C ARG A 119 2.51 -3.20 8.52
N ASN A 120 3.19 -4.28 8.17
CA ASN A 120 2.95 -5.56 8.84
C ASN A 120 1.53 -6.05 8.64
N LEU A 121 0.88 -5.62 7.56
CA LEU A 121 -0.53 -5.95 7.38
C LEU A 121 -0.83 -7.44 7.21
N PRO A 122 0.02 -8.16 6.46
CA PRO A 122 -0.24 -9.60 6.39
C PRO A 122 -0.26 -10.27 7.79
N LEU A 123 0.71 -9.96 8.65
CA LEU A 123 0.69 -10.50 10.01
C LEU A 123 -0.53 -10.06 10.82
N PHE A 124 -0.96 -8.81 10.62
CA PHE A 124 -2.15 -8.30 11.29
C PHE A 124 -3.36 -9.05 10.82
N ASP A 125 -3.52 -9.12 9.49
CA ASP A 125 -4.64 -9.84 8.89
C ASP A 125 -4.66 -11.30 9.33
N ALA A 126 -3.50 -11.94 9.29
CA ALA A 126 -3.38 -13.32 9.75
C ALA A 126 -3.93 -13.45 11.17
N ARG A 127 -3.57 -12.51 12.04
CA ARG A 127 -4.02 -12.56 13.42
C ARG A 127 -5.52 -12.31 13.53
N GLY A 128 -6.01 -11.30 12.82
CA GLY A 128 -7.43 -10.99 12.81
C GLY A 128 -8.37 -12.08 12.32
N ALA A 129 -7.88 -13.02 11.51
CA ALA A 129 -8.70 -14.17 11.12
C ALA A 129 -8.84 -15.14 12.31
N GLU A 130 -7.76 -15.30 13.07
CA GLU A 130 -7.80 -16.03 14.34
C GLU A 130 -8.69 -15.30 15.33
N GLN A 131 -9.12 -14.10 14.96
CA GLN A 131 -9.84 -13.25 15.87
C GLN A 131 -8.89 -12.86 17.01
N ASP A 132 -7.60 -12.78 16.69
CA ASP A 132 -6.63 -12.28 17.64
C ASP A 132 -6.36 -10.85 17.26
N PHE A 133 -6.87 -9.95 18.08
CA PHE A 133 -6.87 -8.54 17.74
C PHE A 133 -5.72 -7.75 18.35
N ARG A 134 -4.79 -8.48 18.99
CA ARG A 134 -3.64 -7.89 19.66
C ARG A 134 -2.57 -7.39 18.67
N TRP A 135 -2.07 -6.17 18.92
CA TRP A 135 -1.06 -5.53 18.07
C TRP A 135 0.36 -5.63 18.58
N ALA A 136 0.57 -6.37 19.66
CA ALA A 136 1.89 -6.43 20.26
C ALA A 136 2.93 -7.18 19.41
N GLY A 137 4.00 -6.48 19.03
CA GLY A 137 5.07 -7.05 18.21
C GLY A 137 5.06 -6.63 16.74
N LEU A 138 3.97 -5.99 16.32
CA LEU A 138 3.72 -5.62 14.92
C LEU A 138 4.15 -4.21 14.47
N MET A 139 4.93 -3.52 15.31
CA MET A 139 5.28 -2.13 15.03
C MET A 139 5.78 -1.95 13.62
N ALA A 140 5.34 -0.88 12.98
CA ALA A 140 5.72 -0.65 11.59
C ALA A 140 6.63 0.56 11.48
N ARG A 141 7.00 0.89 10.25
CA ARG A 141 7.97 1.91 9.99
C ARG A 141 7.47 2.97 9.01
N GLU A 142 7.94 4.19 9.19
CA GLU A 142 7.58 5.33 8.33
C GLU A 142 8.44 5.34 7.06
N ILE A 143 7.90 5.87 5.96
CA ILE A 143 8.62 5.89 4.69
C ILE A 143 9.93 6.67 4.73
N ARG A 144 9.89 7.86 5.34
CA ARG A 144 11.10 8.65 5.57
C ARG A 144 12.20 7.83 6.27
N SER A 145 11.76 6.89 7.10
CA SER A 145 12.66 6.15 7.96
C SER A 145 13.21 4.89 7.28
N LEU A 146 12.93 4.78 5.98
CA LEU A 146 13.35 3.63 5.19
C LEU A 146 14.35 3.98 4.10
N THR A 147 15.09 2.98 3.68
CA THR A 147 15.96 3.09 2.53
C THR A 147 15.45 2.07 1.49
N VAL A 148 14.97 2.58 0.35
CA VAL A 148 14.37 1.76 -0.72
C VAL A 148 15.41 1.50 -1.81
N GLY A 149 15.90 0.27 -1.90
CA GLY A 149 16.73 -0.16 -3.01
C GLY A 149 15.96 -0.48 -4.27
N ILE A 150 16.29 0.19 -5.38
CA ILE A 150 15.75 -0.15 -6.70
C ILE A 150 16.82 -0.79 -7.58
N ILE A 151 16.58 -2.02 -8.01
CA ILE A 151 17.49 -2.67 -8.95
C ILE A 151 16.80 -2.56 -10.30
N GLY A 152 17.52 -2.07 -11.29
CA GLY A 152 16.89 -1.68 -12.54
C GLY A 152 16.10 -0.39 -12.55
N ALA A 153 16.76 0.75 -12.36
CA ALA A 153 15.98 1.97 -12.47
C ALA A 153 15.93 2.39 -13.92
N GLY A 154 14.85 1.95 -14.55
CA GLY A 154 14.52 2.15 -15.94
C GLY A 154 13.32 3.08 -16.01
N ARG A 155 12.47 2.85 -17.03
CA ARG A 155 11.19 3.55 -17.14
C ARG A 155 10.39 3.40 -15.87
N ILE A 156 10.13 2.14 -15.53
CA ILE A 156 9.35 1.82 -14.37
C ILE A 156 10.21 2.02 -13.15
N GLY A 157 11.41 1.44 -13.20
CA GLY A 157 12.34 1.47 -12.07
C GLY A 157 12.50 2.88 -11.56
N GLY A 158 12.63 3.83 -12.48
CA GLY A 158 12.80 5.23 -12.13
C GLY A 158 11.55 5.95 -11.61
N THR A 159 10.36 5.50 -12.03
CA THR A 159 9.09 6.00 -11.52
C THR A 159 8.93 5.60 -10.06
N VAL A 160 9.24 4.34 -9.76
CA VAL A 160 9.24 3.84 -8.38
C VAL A 160 10.06 4.75 -7.45
N ALA A 161 11.30 5.06 -7.84
CA ALA A 161 12.16 5.91 -7.04
C ALA A 161 11.61 7.31 -6.81
N ARG A 162 11.11 7.95 -7.86
CA ARG A 162 10.50 9.26 -7.72
C ARG A 162 9.40 9.23 -6.67
N LEU A 163 8.55 8.20 -6.76
CA LEU A 163 7.51 7.96 -5.77
C LEU A 163 8.05 7.87 -4.36
N PHE A 164 8.84 6.86 -4.11
CA PHE A 164 9.38 6.67 -2.77
C PHE A 164 10.16 7.90 -2.38
N LYS A 165 10.69 8.61 -3.38
CA LYS A 165 11.40 9.85 -3.10
C LYS A 165 10.43 10.89 -2.56
N ALA A 166 9.38 11.18 -3.33
CA ALA A 166 8.34 12.13 -2.90
C ALA A 166 7.82 11.83 -1.50
N LEU A 167 7.64 10.56 -1.17
CA LEU A 167 7.09 10.17 0.13
C LEU A 167 8.16 10.22 1.22
N GLY A 168 9.38 10.57 0.83
CA GLY A 168 10.42 10.94 1.78
C GLY A 168 11.48 9.91 2.04
N ALA A 169 11.41 8.83 1.28
CA ALA A 169 12.33 7.72 1.47
C ALA A 169 13.72 8.10 1.02
N THR A 170 14.71 7.54 1.70
CA THR A 170 16.08 7.58 1.24
C THR A 170 16.14 6.50 0.16
N VAL A 171 16.48 6.87 -1.07
CA VAL A 171 16.35 5.94 -2.20
C VAL A 171 17.64 5.71 -2.96
N ILE A 172 18.10 4.46 -3.00
CA ILE A 172 19.36 4.12 -3.70
C ILE A 172 19.05 3.16 -4.84
N ALA A 173 19.86 3.19 -5.89
CA ALA A 173 19.52 2.38 -7.05
C ALA A 173 20.68 1.60 -7.60
N ASN A 174 20.36 0.59 -8.40
CA ASN A 174 21.38 -0.18 -9.05
C ASN A 174 21.08 -0.41 -10.53
N ASP A 175 21.90 0.14 -11.40
CA ASP A 175 21.68 -0.03 -12.84
C ASP A 175 22.99 -0.11 -13.58
N ILE A 176 22.99 -0.70 -14.76
CA ILE A 176 24.21 -0.77 -15.58
C ILE A 176 24.46 0.52 -16.36
N VAL A 177 23.43 1.35 -16.52
CA VAL A 177 23.60 2.74 -16.96
C VAL A 177 22.82 3.74 -16.10
N GLU A 178 23.49 4.81 -15.69
CA GLU A 178 22.87 5.80 -14.85
C GLU A 178 22.30 6.98 -15.64
N ARG A 179 20.99 7.20 -15.50
CA ARG A 179 20.31 8.36 -16.08
C ARG A 179 20.64 9.62 -15.30
N VAL A 180 20.88 10.73 -15.98
CA VAL A 180 21.12 11.96 -15.23
C VAL A 180 19.83 12.41 -14.58
N GLU A 181 18.72 12.09 -15.22
CA GLU A 181 17.41 12.54 -14.78
C GLU A 181 17.17 12.10 -13.34
N LEU A 182 17.88 11.06 -12.93
CA LEU A 182 17.79 10.55 -11.56
C LEU A 182 18.92 11.01 -10.62
N LYS A 183 19.84 11.85 -11.09
CA LYS A 183 20.93 12.34 -10.24
C LYS A 183 20.46 12.88 -8.90
N ASP A 184 19.37 13.65 -8.91
CA ASP A 184 18.87 14.17 -7.65
C ASP A 184 17.99 13.18 -6.87
N ILE A 185 17.23 12.37 -7.59
CA ILE A 185 16.27 11.43 -7.01
C ILE A 185 16.88 10.19 -6.33
N VAL A 186 18.04 9.77 -6.79
CA VAL A 186 18.66 8.56 -6.25
C VAL A 186 20.17 8.66 -6.06
N THR A 187 20.72 7.67 -5.36
CA THR A 187 22.16 7.53 -5.20
C THR A 187 22.58 6.20 -5.82
N TYR A 188 23.43 6.22 -6.85
CA TYR A 188 23.85 4.95 -7.46
C TYR A 188 24.90 4.15 -6.64
N VAL A 189 24.57 2.89 -6.39
CA VAL A 189 25.47 2.02 -5.68
C VAL A 189 25.58 0.74 -6.45
N SER A 190 26.48 -0.12 -6.00
CA SER A 190 26.65 -1.47 -6.52
C SER A 190 25.54 -2.41 -5.97
N LYS A 191 25.37 -3.57 -6.60
CA LYS A 191 24.39 -4.55 -6.13
C LYS A 191 24.60 -4.91 -4.66
N GLU A 192 25.85 -5.19 -4.29
CA GLU A 192 26.15 -5.65 -2.92
C GLU A 192 26.05 -4.54 -1.85
N GLU A 193 26.42 -3.33 -2.21
CA GLU A 193 26.13 -2.22 -1.34
C GLU A 193 24.61 -2.16 -1.11
N LEU A 194 23.83 -2.17 -2.20
CA LEU A 194 22.36 -2.06 -2.15
C LEU A 194 21.68 -3.13 -1.30
N LEU A 195 21.94 -4.39 -1.59
CA LEU A 195 21.30 -5.46 -0.82
C LEU A 195 21.54 -5.29 0.69
N GLN A 196 22.70 -4.74 1.05
CA GLN A 196 23.10 -4.55 2.44
C GLN A 196 22.49 -3.32 3.14
N ALA A 197 22.36 -2.22 2.39
CA ALA A 197 21.82 -0.97 2.93
C ALA A 197 20.29 -0.92 3.02
N ALA A 198 19.61 -1.51 2.03
CA ALA A 198 18.16 -1.33 1.85
C ALA A 198 17.22 -2.21 2.68
N ASP A 199 16.12 -1.59 3.11
CA ASP A 199 15.01 -2.26 3.77
C ASP A 199 14.01 -2.88 2.79
N VAL A 200 13.70 -2.13 1.73
CA VAL A 200 12.90 -2.65 0.63
C VAL A 200 13.76 -2.78 -0.62
N VAL A 201 13.76 -3.95 -1.25
CA VAL A 201 14.52 -4.17 -2.46
C VAL A 201 13.56 -4.52 -3.57
N THR A 202 13.40 -3.63 -4.53
CA THR A 202 12.45 -3.87 -5.59
C THR A 202 13.19 -4.06 -6.92
N LEU A 203 12.80 -5.07 -7.70
CA LEU A 203 13.42 -5.41 -8.98
C LEU A 203 12.66 -4.78 -10.16
N HIS A 204 13.36 -3.97 -10.97
CA HIS A 204 12.83 -3.53 -12.27
C HIS A 204 13.42 -3.93 -13.65
N VAL A 205 14.45 -4.78 -13.65
CA VAL A 205 15.15 -5.22 -14.88
C VAL A 205 14.25 -6.05 -15.79
N PRO A 206 14.56 -6.09 -17.10
CA PRO A 206 13.94 -7.05 -18.03
C PRO A 206 14.57 -8.47 -17.95
N LEU A 207 13.80 -9.48 -18.31
CA LEU A 207 14.37 -10.81 -18.37
C LEU A 207 15.44 -10.89 -19.46
N MET A 208 16.63 -11.36 -19.09
CA MET A 208 17.77 -11.51 -20.00
C MET A 208 18.72 -12.59 -19.49
N ASP A 209 19.51 -13.16 -20.39
CA ASP A 209 20.51 -14.14 -19.96
C ASP A 209 21.33 -13.56 -18.79
N SER A 210 21.43 -12.24 -18.74
CA SER A 210 22.18 -11.52 -17.71
C SER A 210 21.47 -11.38 -16.38
N THR A 211 20.20 -11.01 -16.40
CA THR A 211 19.47 -10.78 -15.15
C THR A 211 18.92 -12.08 -14.56
N THR A 212 18.79 -13.11 -15.38
CA THR A 212 18.21 -14.34 -14.90
C THR A 212 19.00 -14.87 -13.69
N GLN A 213 18.27 -15.04 -12.58
CA GLN A 213 18.85 -15.32 -11.26
C GLN A 213 19.87 -14.29 -10.78
N LEU A 214 19.41 -13.04 -10.79
CA LEU A 214 20.11 -11.90 -10.23
C LEU A 214 19.93 -11.93 -8.71
N ILE A 215 18.77 -12.40 -8.28
CA ILE A 215 18.57 -12.64 -6.88
C ILE A 215 18.73 -14.13 -6.68
N ASP A 216 19.85 -14.48 -6.07
CA ASP A 216 20.30 -15.86 -5.98
C ASP A 216 20.58 -16.17 -4.53
N ALA A 217 21.08 -17.37 -4.26
CA ALA A 217 21.34 -17.79 -2.88
C ALA A 217 22.11 -16.72 -2.13
N ASP A 218 23.12 -16.17 -2.80
CA ASP A 218 24.04 -15.18 -2.22
C ASP A 218 23.47 -13.78 -2.06
N ALA A 219 22.81 -13.26 -3.10
CA ALA A 219 22.17 -11.95 -3.01
C ALA A 219 21.22 -11.88 -1.83
N LEU A 220 20.44 -12.94 -1.61
CA LEU A 220 19.47 -12.99 -0.52
C LEU A 220 20.09 -13.00 0.89
N ALA A 221 21.25 -13.66 1.02
CA ALA A 221 21.94 -13.73 2.30
C ALA A 221 22.63 -12.41 2.67
N LEU A 222 22.77 -11.55 1.65
CA LEU A 222 23.29 -10.19 1.83
C LEU A 222 22.30 -9.20 2.47
N MET A 223 21.00 -9.44 2.26
CA MET A 223 19.96 -8.50 2.68
C MET A 223 19.78 -8.41 4.17
N LYS A 224 19.21 -7.31 4.63
CA LYS A 224 18.85 -7.17 6.03
C LYS A 224 17.90 -8.30 6.35
N ASN A 225 17.92 -8.75 7.59
CA ASN A 225 17.04 -9.84 7.99
C ASN A 225 15.62 -9.31 8.21
N ASP A 226 15.50 -7.99 8.35
CA ASP A 226 14.19 -7.37 8.52
C ASP A 226 13.67 -6.79 7.21
N ALA A 227 14.43 -6.98 6.13
CA ALA A 227 14.11 -6.39 4.81
C ALA A 227 12.98 -7.10 4.10
N VAL A 228 12.59 -6.59 2.94
CA VAL A 228 11.58 -7.26 2.10
C VAL A 228 12.01 -7.18 0.63
N LEU A 229 11.54 -8.12 -0.18
CA LEU A 229 11.88 -8.14 -1.59
C LEU A 229 10.60 -8.00 -2.37
N ILE A 230 10.63 -7.22 -3.44
CA ILE A 230 9.43 -7.04 -4.24
C ILE A 230 9.81 -7.36 -5.66
N ASN A 231 9.23 -8.40 -6.24
CA ASN A 231 9.56 -8.67 -7.62
C ASN A 231 8.36 -8.38 -8.53
N ALA A 232 8.42 -7.22 -9.17
CA ALA A 232 7.42 -6.79 -10.16
C ALA A 232 7.86 -6.94 -11.62
N SER A 233 9.03 -7.53 -11.86
CA SER A 233 9.58 -7.55 -13.19
C SER A 233 9.27 -8.87 -13.88
N ARG A 234 10.02 -9.90 -13.55
CA ARG A 234 9.89 -11.20 -14.21
C ARG A 234 10.25 -12.37 -13.29
N GLY A 235 9.60 -13.51 -13.51
CA GLY A 235 9.81 -14.63 -12.62
C GLY A 235 11.26 -15.06 -12.55
N PRO A 236 11.84 -15.41 -13.70
CA PRO A 236 13.19 -15.97 -13.66
C PRO A 236 14.16 -15.09 -12.89
N VAL A 237 13.85 -13.80 -12.74
CA VAL A 237 14.82 -12.89 -12.15
C VAL A 237 15.30 -13.39 -10.78
N VAL A 238 14.39 -13.97 -10.00
CA VAL A 238 14.68 -14.48 -8.65
C VAL A 238 14.82 -15.98 -8.66
N ASP A 239 15.80 -16.49 -7.92
CA ASP A 239 16.05 -17.93 -7.89
C ASP A 239 15.11 -18.42 -6.80
N THR A 240 14.03 -19.07 -7.23
CA THR A 240 12.84 -19.13 -6.40
C THR A 240 13.05 -20.11 -5.26
N ASP A 241 13.79 -21.17 -5.51
CA ASP A 241 14.11 -22.09 -4.43
C ASP A 241 14.91 -21.38 -3.33
N ALA A 242 15.93 -20.63 -3.72
CA ALA A 242 16.65 -19.80 -2.75
C ALA A 242 15.70 -18.84 -2.00
N LEU A 243 14.84 -18.12 -2.70
CA LEU A 243 13.91 -17.21 -2.05
C LEU A 243 13.11 -17.92 -0.97
N ILE A 244 12.55 -19.08 -1.32
CA ILE A 244 11.82 -19.91 -0.37
C ILE A 244 12.70 -20.31 0.82
N ALA A 245 13.83 -20.93 0.54
CA ALA A 245 14.74 -21.31 1.62
C ALA A 245 15.03 -20.12 2.54
N ALA A 246 15.03 -18.91 1.98
CA ALA A 246 15.38 -17.70 2.73
C ALA A 246 14.23 -17.14 3.57
N LEU A 247 12.99 -17.29 3.11
CA LEU A 247 11.84 -16.85 3.90
C LEU A 247 11.57 -17.88 4.96
N GLN A 248 11.94 -19.11 4.64
CA GLN A 248 11.64 -20.26 5.48
C GLN A 248 12.54 -20.15 6.70
N ASN A 249 13.79 -19.77 6.44
CA ASN A 249 14.84 -19.61 7.44
C ASN A 249 15.01 -18.17 7.97
N LYS A 250 14.03 -17.33 7.61
CA LYS A 250 13.89 -15.98 8.15
C LYS A 250 15.07 -15.07 7.85
N GLN A 251 15.81 -15.42 6.81
CA GLN A 251 16.88 -14.59 6.29
C GLN A 251 16.38 -13.23 5.83
N ILE A 252 15.15 -13.19 5.34
CA ILE A 252 14.44 -11.92 5.13
C ILE A 252 13.03 -11.96 5.75
N ALA A 253 12.43 -10.79 5.92
CA ALA A 253 11.18 -10.67 6.68
C ALA A 253 9.93 -11.05 5.90
N GLY A 254 9.90 -10.69 4.61
CA GLY A 254 8.77 -11.03 3.76
C GLY A 254 9.04 -10.84 2.29
N ALA A 255 8.02 -10.99 1.44
CA ALA A 255 8.20 -10.69 0.03
C ALA A 255 6.89 -10.43 -0.71
N ALA A 256 6.99 -9.72 -1.83
CA ALA A 256 5.82 -9.46 -2.70
C ALA A 256 6.09 -9.75 -4.19
N LEU A 257 5.37 -10.74 -4.72
CA LEU A 257 5.62 -11.24 -6.07
C LEU A 257 4.46 -11.00 -7.03
N ASP A 258 4.67 -10.18 -8.06
CA ASP A 258 3.68 -9.97 -9.12
C ASP A 258 3.94 -10.92 -10.28
N THR A 259 5.10 -11.54 -10.27
CA THR A 259 5.43 -12.53 -11.29
C THR A 259 6.25 -13.65 -10.68
N LEU A 260 6.06 -14.85 -11.19
CA LEU A 260 6.71 -16.03 -10.63
C LEU A 260 7.30 -16.96 -11.71
N ASN A 261 8.15 -17.87 -11.27
CA ASN A 261 8.72 -18.90 -12.13
C ASN A 261 7.62 -19.74 -12.79
N GLY A 262 7.61 -19.77 -14.13
CA GLY A 262 6.65 -20.57 -14.89
C GLY A 262 5.18 -20.18 -14.78
N GLU A 263 4.92 -18.87 -14.74
CA GLU A 263 3.58 -18.34 -14.54
C GLU A 263 2.65 -18.60 -15.73
N GLU A 264 3.24 -18.80 -16.92
CA GLU A 264 2.44 -18.97 -18.13
C GLU A 264 1.45 -20.11 -17.89
N HIS A 265 1.90 -21.12 -17.15
CA HIS A 265 1.16 -22.36 -16.95
C HIS A 265 0.16 -22.37 -15.74
N PHE A 266 0.16 -21.32 -14.90
CA PHE A 266 -0.81 -21.18 -13.79
C PHE A 266 -1.59 -19.86 -13.67
N PHE A 267 -0.88 -18.73 -13.60
CA PHE A 267 -1.53 -17.41 -13.56
C PHE A 267 -2.57 -17.20 -14.65
N ASN A 268 -3.67 -16.56 -14.29
CA ASN A 268 -4.77 -16.24 -15.20
C ASN A 268 -5.58 -17.44 -15.69
N GLN A 269 -5.86 -18.37 -14.76
CA GLN A 269 -6.62 -19.56 -15.04
C GLN A 269 -7.39 -19.94 -13.79
N ASP A 270 -8.60 -20.51 -13.92
CA ASP A 270 -9.34 -20.87 -12.72
C ASP A 270 -8.84 -22.25 -12.40
N LEU A 271 -7.97 -22.32 -11.41
CA LEU A 271 -7.38 -23.56 -10.95
C LEU A 271 -8.12 -24.07 -9.74
N CYS A 272 -9.25 -23.45 -9.43
CA CYS A 272 -10.06 -23.89 -8.29
C CYS A 272 -10.41 -25.37 -8.43
N GLY A 273 -10.05 -26.14 -7.41
CA GLY A 273 -10.31 -27.56 -7.38
C GLY A 273 -9.21 -28.40 -8.03
N LYS A 274 -8.50 -27.82 -8.98
CA LYS A 274 -7.36 -28.49 -9.61
C LYS A 274 -6.04 -28.37 -8.81
N GLU A 275 -5.10 -29.29 -9.03
CA GLU A 275 -3.82 -29.25 -8.33
C GLU A 275 -2.85 -28.25 -8.98
N LEU A 276 -1.95 -27.66 -8.20
CA LEU A 276 -1.07 -26.60 -8.73
C LEU A 276 0.18 -27.12 -9.41
N PRO A 277 0.51 -26.58 -10.60
CA PRO A 277 1.68 -27.01 -11.37
C PRO A 277 3.02 -26.88 -10.63
N SER A 278 3.32 -25.72 -10.04
CA SER A 278 4.59 -25.64 -9.31
C SER A 278 4.42 -26.06 -7.87
N GLU A 279 5.34 -26.89 -7.38
CA GLU A 279 5.46 -27.08 -5.95
C GLU A 279 5.97 -25.76 -5.42
N GLN A 280 6.75 -25.08 -6.26
CA GLN A 280 7.17 -23.72 -6.00
C GLN A 280 5.96 -22.84 -5.63
N LEU A 281 4.90 -22.90 -6.41
CA LEU A 281 3.73 -22.11 -6.05
C LEU A 281 3.04 -22.69 -4.82
N LYS A 282 2.93 -24.02 -4.76
CA LYS A 282 2.25 -24.65 -3.63
C LYS A 282 2.87 -24.09 -2.35
N VAL A 283 4.16 -24.33 -2.18
CA VAL A 283 4.90 -23.92 -0.99
C VAL A 283 4.86 -22.42 -0.63
N LEU A 284 4.88 -21.56 -1.64
CA LEU A 284 4.92 -20.11 -1.40
C LEU A 284 3.60 -19.61 -0.85
N ARG A 285 2.53 -20.33 -1.16
CA ARG A 285 1.20 -19.94 -0.70
C ARG A 285 1.00 -20.20 0.79
N THR A 286 1.87 -21.03 1.37
CA THR A 286 1.80 -21.37 2.80
C THR A 286 2.74 -20.55 3.65
N LEU A 287 3.57 -19.73 3.02
CA LEU A 287 4.42 -18.82 3.78
C LEU A 287 3.63 -17.56 4.09
N PRO A 288 3.68 -17.09 5.35
CA PRO A 288 2.83 -16.05 5.93
C PRO A 288 3.04 -14.65 5.34
N ASN A 289 4.30 -14.30 5.23
CA ASN A 289 4.75 -12.95 4.99
C ASN A 289 4.82 -12.69 3.52
N VAL A 290 4.48 -13.69 2.70
CA VAL A 290 4.55 -13.56 1.23
C VAL A 290 3.21 -13.18 0.55
N LEU A 291 3.26 -12.25 -0.40
CA LEU A 291 2.08 -11.80 -1.14
C LEU A 291 2.19 -12.05 -2.64
N ILE A 292 1.33 -12.90 -3.21
CA ILE A 292 1.34 -13.20 -4.66
C ILE A 292 0.16 -12.61 -5.46
N THR A 293 0.48 -11.93 -6.56
CA THR A 293 -0.49 -11.32 -7.50
C THR A 293 -0.19 -11.87 -8.93
N PRO A 294 -1.23 -12.07 -9.77
CA PRO A 294 -1.01 -12.75 -11.05
C PRO A 294 -0.54 -11.84 -12.21
N HIS A 295 0.52 -11.06 -11.96
CA HIS A 295 1.09 -10.17 -12.95
C HIS A 295 0.02 -9.16 -13.28
N ILE A 296 -0.58 -8.58 -12.25
CA ILE A 296 -1.55 -7.49 -12.41
C ILE A 296 -0.94 -6.08 -12.31
N GLY A 297 0.38 -6.01 -12.29
CA GLY A 297 1.04 -4.72 -12.25
C GLY A 297 0.55 -3.75 -13.32
N PHE A 298 0.64 -4.18 -14.58
CA PHE A 298 0.24 -3.33 -15.70
C PHE A 298 -1.24 -2.89 -15.65
N TYR A 299 -2.08 -3.57 -14.87
CA TYR A 299 -3.51 -3.60 -15.19
C TYR A 299 -4.34 -2.50 -14.50
N THR A 300 -4.56 -1.43 -15.27
CA THR A 300 -5.24 -0.20 -14.85
C THR A 300 -5.82 0.51 -16.07
N ASN A 301 -6.82 1.37 -15.85
CA ASN A 301 -7.46 2.14 -16.93
C ASN A 301 -6.44 2.76 -17.91
N LYS A 302 -5.52 3.56 -17.38
CA LYS A 302 -4.56 4.30 -18.19
C LYS A 302 -3.68 3.36 -19.00
N ALA A 303 -3.13 2.34 -18.35
CA ALA A 303 -2.25 1.41 -19.05
C ALA A 303 -3.02 0.57 -20.08
N VAL A 304 -4.28 0.23 -19.79
CA VAL A 304 -5.05 -0.48 -20.81
C VAL A 304 -5.28 0.44 -22.00
N GLN A 305 -5.91 1.58 -21.78
CA GLN A 305 -6.13 2.55 -22.86
C GLN A 305 -4.83 2.88 -23.61
N ASN A 306 -3.73 3.05 -22.88
CA ASN A 306 -2.42 3.23 -23.53
C ASN A 306 -2.17 2.15 -24.58
N MET A 307 -2.27 0.88 -24.16
CA MET A 307 -2.03 -0.25 -25.06
C MET A 307 -2.84 -0.09 -26.33
N VAL A 308 -4.13 0.21 -26.14
CA VAL A 308 -5.07 0.26 -27.25
C VAL A 308 -4.77 1.42 -28.21
N GLU A 309 -4.73 2.64 -27.67
CA GLU A 309 -4.40 3.81 -28.46
C GLU A 309 -3.17 3.54 -29.28
N ILE A 310 -2.04 3.40 -28.59
CA ILE A 310 -0.75 3.22 -29.23
C ILE A 310 -0.82 2.20 -30.37
N SER A 311 -1.12 0.95 -30.06
CA SER A 311 -1.16 -0.14 -31.05
C SER A 311 -1.94 0.21 -32.34
N LEU A 312 -3.09 0.86 -32.19
CA LEU A 312 -3.90 1.28 -33.33
C LEU A 312 -3.28 2.44 -34.09
N ASN A 313 -2.56 3.30 -33.39
CA ASN A 313 -1.86 4.40 -34.04
C ASN A 313 -0.52 3.91 -34.61
N ASP A 314 -0.14 2.68 -34.26
CA ASP A 314 0.94 2.00 -34.94
C ASP A 314 0.42 1.49 -36.28
N VAL A 315 -0.85 1.06 -36.30
CA VAL A 315 -1.45 0.51 -37.52
C VAL A 315 -1.75 1.62 -38.52
N LEU A 316 -2.60 2.56 -38.13
CA LEU A 316 -2.90 3.73 -38.97
C LEU A 316 -1.63 4.43 -39.45
N ALA A 317 -0.53 4.29 -38.72
CA ALA A 317 0.75 4.79 -39.19
C ALA A 317 1.23 3.97 -40.38
N ILE A 318 1.31 2.64 -40.22
CA ILE A 318 1.78 1.78 -41.30
C ILE A 318 0.83 1.70 -42.53
N LEU A 319 -0.37 2.30 -42.41
CA LEU A 319 -1.26 2.48 -43.56
C LEU A 319 -1.15 3.91 -44.14
N LYS A 320 -1.48 4.92 -43.33
CA LYS A 320 -1.49 6.33 -43.76
C LYS A 320 -0.08 6.94 -43.79
N THR A 321 0.91 6.14 -43.41
CA THR A 321 2.31 6.57 -43.40
C THR A 321 3.24 5.59 -44.14
N GLY A 322 3.20 4.31 -43.73
CA GLY A 322 3.99 3.25 -44.34
C GLY A 322 5.03 2.76 -43.38
N THR A 323 5.22 3.51 -42.30
CA THR A 323 6.19 3.19 -41.26
C THR A 323 5.67 3.57 -39.86
N SER A 324 6.11 2.85 -38.83
CA SER A 324 5.73 3.17 -37.45
C SER A 324 6.87 2.98 -36.44
N GLU A 325 6.76 3.66 -35.29
CA GLU A 325 7.86 3.74 -34.33
C GLU A 325 8.44 2.38 -33.92
N HIS A 326 7.57 1.51 -33.44
CA HIS A 326 8.00 0.29 -32.75
C HIS A 326 8.21 -0.92 -33.66
N GLN A 327 8.06 -0.70 -34.97
CA GLN A 327 8.26 -1.76 -35.95
C GLN A 327 9.72 -2.22 -35.95
N LEU A 328 9.95 -3.53 -36.07
CA LEU A 328 11.28 -4.03 -36.44
C LEU A 328 11.28 -5.08 -37.57
N ASN A 329 11.65 -4.65 -38.77
CA ASN A 329 11.90 -5.53 -39.92
C ASN A 329 12.11 -4.81 -41.27
N LYS A 330 12.38 -5.59 -42.32
CA LYS A 330 12.54 -5.07 -43.68
C LYS A 330 11.50 -5.63 -44.67
N VAL A 331 11.71 -5.31 -45.95
CA VAL A 331 10.76 -5.64 -47.02
C VAL A 331 11.19 -6.82 -47.90
N ALA A 332 10.42 -7.07 -48.95
CA ALA A 332 10.77 -8.07 -49.96
C ALA A 332 12.12 -7.73 -50.59
N MET B 1 20.93 11.98 37.54
CA MET B 1 19.46 12.04 37.52
C MET B 1 18.87 10.87 36.73
N LYS B 2 17.73 10.36 37.19
CA LYS B 2 17.14 9.13 36.63
C LYS B 2 15.61 9.09 36.67
N ILE B 3 15.00 8.46 35.67
CA ILE B 3 13.55 8.30 35.62
C ILE B 3 13.19 6.82 35.54
N ILE B 4 12.10 6.41 36.18
CA ILE B 4 11.60 5.05 36.01
C ILE B 4 10.40 5.06 35.08
N MET B 5 10.33 4.07 34.19
CA MET B 5 9.27 3.97 33.19
C MET B 5 8.57 2.64 33.34
N PHE B 6 7.23 2.65 33.34
CA PHE B 6 6.50 1.43 33.59
C PHE B 6 5.96 0.84 32.32
N SER B 7 5.43 -0.38 32.42
CA SER B 7 4.73 -1.04 31.33
C SER B 7 5.46 -0.83 30.02
N VAL B 8 6.76 -1.09 29.97
CA VAL B 8 7.50 -0.81 28.74
C VAL B 8 7.49 -1.97 27.73
N ARG B 9 7.13 -1.64 26.48
CA ARG B 9 7.12 -2.62 25.39
C ARG B 9 8.53 -2.87 24.85
N ASP B 10 8.72 -4.01 24.21
CA ASP B 10 9.97 -4.28 23.52
C ASP B 10 10.26 -3.33 22.35
N ASP B 11 9.23 -2.77 21.72
CA ASP B 11 9.49 -1.83 20.62
C ASP B 11 9.81 -0.42 21.08
N GLU B 12 9.44 -0.11 22.31
CA GLU B 12 9.79 1.19 22.89
C GLU B 12 11.28 1.29 23.28
N GLU B 13 11.92 0.14 23.48
CA GLU B 13 13.27 0.09 24.04
C GLU B 13 14.29 0.85 23.19
N ALA B 14 14.30 0.63 21.88
CA ALA B 14 15.23 1.37 21.04
C ALA B 14 15.16 2.88 21.33
N ALA B 15 13.93 3.41 21.37
CA ALA B 15 13.73 4.86 21.43
C ALA B 15 14.16 5.51 22.74
N ILE B 16 13.96 4.77 23.83
CA ILE B 16 14.31 5.22 25.16
C ILE B 16 15.80 5.39 25.26
N ARG B 17 16.52 4.38 24.80
CA ARG B 17 17.96 4.35 24.95
C ARG B 17 18.66 5.37 24.05
N GLU B 18 17.94 5.90 23.08
CA GLU B 18 18.48 6.94 22.21
C GLU B 18 18.40 8.24 22.99
N TRP B 19 17.33 8.35 23.78
CA TRP B 19 17.08 9.53 24.59
C TRP B 19 17.93 9.51 25.85
N GLU B 20 18.19 8.32 26.38
CA GLU B 20 19.14 8.13 27.49
C GLU B 20 20.47 8.76 27.08
N LYS B 21 20.95 8.40 25.90
CA LYS B 21 22.17 8.93 25.32
C LYS B 21 22.16 10.46 25.19
N LYS B 22 21.20 10.94 24.39
CA LYS B 22 21.04 12.35 24.07
C LYS B 22 21.14 13.28 25.26
N THR B 23 20.27 13.07 26.24
CA THR B 23 20.20 13.92 27.42
C THR B 23 21.22 13.58 28.49
N GLY B 24 21.77 12.37 28.43
CA GLY B 24 22.61 11.92 29.52
C GLY B 24 21.82 11.80 30.81
N VAL B 25 20.54 11.49 30.70
CA VAL B 25 19.70 11.09 31.84
C VAL B 25 19.53 9.57 31.81
N GLN B 26 19.62 8.93 32.97
CA GLN B 26 19.49 7.46 33.05
C GLN B 26 18.04 7.04 33.25
N VAL B 27 17.47 6.27 32.31
CA VAL B 27 16.09 5.80 32.53
C VAL B 27 15.98 4.27 32.69
N ASP B 28 15.18 3.84 33.67
CA ASP B 28 15.02 2.42 34.00
C ASP B 28 13.65 1.91 33.57
N ILE B 29 13.62 0.78 32.86
CA ILE B 29 12.35 0.24 32.38
C ILE B 29 11.92 -1.03 33.12
N ASN B 30 10.61 -1.24 33.23
CA ASN B 30 10.06 -2.52 33.67
C ASN B 30 8.76 -2.84 32.94
N ARG B 31 8.23 -4.03 33.16
CA ARG B 31 6.98 -4.45 32.52
C ARG B 31 5.71 -4.40 33.40
N LEU B 32 5.84 -3.83 34.60
CA LEU B 32 4.72 -3.67 35.53
C LEU B 32 3.72 -2.55 35.20
N GLU B 33 2.68 -2.44 36.02
CA GLU B 33 1.81 -1.28 35.97
C GLU B 33 1.91 -0.49 37.26
N LEU B 34 1.24 0.65 37.34
CA LEU B 34 1.28 1.40 38.56
C LEU B 34 0.07 1.05 39.43
N ASP B 35 0.37 0.37 40.54
CA ASP B 35 -0.61 0.08 41.60
C ASP B 35 0.07 0.34 42.95
N ALA B 36 -0.70 0.36 44.02
CA ALA B 36 -0.12 0.75 45.30
C ALA B 36 1.01 -0.19 45.76
N GLU B 37 1.06 -1.39 45.20
CA GLU B 37 2.17 -2.32 45.48
C GLU B 37 3.42 -1.78 44.85
N THR B 38 3.33 -1.53 43.54
CA THR B 38 4.48 -1.18 42.72
C THR B 38 4.90 0.28 42.82
N ALA B 39 4.09 1.11 43.47
CA ALA B 39 4.48 2.50 43.65
C ALA B 39 5.77 2.59 44.49
N GLN B 40 5.97 1.65 45.41
CA GLN B 40 7.18 1.63 46.24
C GLN B 40 8.50 1.55 45.44
N LEU B 41 8.40 1.26 44.15
CA LEU B 41 9.57 1.13 43.26
C LEU B 41 10.13 2.47 42.83
N THR B 42 9.39 3.54 43.12
CA THR B 42 9.81 4.90 42.78
C THR B 42 10.96 5.43 43.65
N LYS B 43 11.40 4.62 44.63
CA LYS B 43 12.30 5.10 45.67
C LYS B 43 13.50 5.97 45.24
N GLY B 44 14.42 5.43 44.43
CA GLY B 44 15.61 6.18 44.07
C GLY B 44 15.49 7.09 42.85
N TYR B 45 14.26 7.49 42.53
CA TYR B 45 13.97 8.15 41.26
C TYR B 45 13.46 9.60 41.40
N ASP B 46 13.79 10.43 40.41
CA ASP B 46 13.39 11.83 40.42
C ASP B 46 12.07 12.04 39.64
N GLY B 47 11.57 10.96 39.03
CA GLY B 47 10.33 11.00 38.27
C GLY B 47 9.91 9.69 37.60
N ILE B 48 8.70 9.67 37.06
CA ILE B 48 8.07 8.45 36.58
C ILE B 48 7.24 8.66 35.32
N VAL B 49 7.20 7.63 34.46
CA VAL B 49 6.35 7.66 33.28
C VAL B 49 5.60 6.35 33.13
N ILE B 50 4.31 6.42 32.81
CA ILE B 50 3.48 5.22 32.78
C ILE B 50 2.79 4.99 31.44
N GLN B 51 2.28 3.78 31.27
CA GLN B 51 1.34 3.52 30.19
C GLN B 51 0.33 2.45 30.63
N GLN B 52 -0.97 2.74 30.60
CA GLN B 52 -1.98 1.72 30.95
C GLN B 52 -3.39 2.28 30.80
N ARG B 53 -4.39 1.41 30.63
CA ARG B 53 -5.78 1.84 30.66
C ARG B 53 -6.32 1.88 32.10
N SER B 54 -5.74 1.02 32.95
CA SER B 54 -6.25 0.76 34.29
C SER B 54 -6.41 2.03 35.09
N HIS B 55 -7.63 2.31 35.53
CA HIS B 55 -7.88 3.50 36.35
C HIS B 55 -7.11 3.32 37.67
N ILE B 56 -6.34 4.33 38.10
CA ILE B 56 -5.59 4.20 39.35
C ILE B 56 -6.24 4.97 40.50
N SER B 57 -6.92 4.20 41.35
CA SER B 57 -7.74 4.74 42.43
C SER B 57 -7.02 5.04 43.75
N ASN B 58 -6.23 4.09 44.20
CA ASN B 58 -5.77 4.06 45.58
C ASN B 58 -4.82 5.20 45.96
N PRO B 59 -5.24 6.06 46.90
CA PRO B 59 -4.51 7.28 47.26
C PRO B 59 -3.15 6.93 47.81
N ALA B 60 -3.00 5.67 48.19
CA ALA B 60 -1.72 5.15 48.63
C ALA B 60 -0.67 5.37 47.52
N VAL B 61 -1.15 5.45 46.28
CA VAL B 61 -0.25 5.69 45.16
C VAL B 61 0.25 7.13 45.15
N TYR B 62 -0.67 8.08 45.16
CA TYR B 62 -0.30 9.49 45.07
C TYR B 62 0.48 9.91 46.31
N GLU B 63 0.07 9.35 47.45
CA GLU B 63 0.83 9.46 48.69
C GLU B 63 2.25 8.93 48.47
N THR B 64 2.39 7.64 48.23
CA THR B 64 3.71 7.04 48.08
C THR B 64 4.62 7.86 47.15
N LEU B 65 4.11 8.30 46.01
CA LEU B 65 4.94 9.09 45.11
C LEU B 65 5.42 10.32 45.84
N GLN B 66 4.46 11.11 46.31
CA GLN B 66 4.74 12.35 47.00
C GLN B 66 5.71 12.08 48.16
N LYS B 67 5.60 10.90 48.78
CA LYS B 67 6.44 10.50 49.91
C LYS B 67 7.91 10.25 49.55
N ASN B 68 8.14 9.70 48.35
CA ASN B 68 9.50 9.55 47.79
C ASN B 68 9.83 10.79 46.98
N GLY B 69 8.94 11.77 47.03
CA GLY B 69 9.21 13.06 46.42
C GLY B 69 9.34 13.08 44.91
N LEU B 70 8.31 12.62 44.20
CA LEU B 70 8.22 12.83 42.76
C LEU B 70 7.26 13.99 42.61
N ARG B 71 7.57 14.93 41.72
CA ARG B 71 6.72 16.11 41.60
C ARG B 71 5.70 15.99 40.46
N GLN B 72 5.75 14.88 39.72
CA GLN B 72 4.79 14.62 38.61
C GLN B 72 4.34 13.16 38.44
N LEU B 73 3.27 12.95 37.66
CA LEU B 73 2.94 11.63 37.14
C LEU B 73 2.67 11.75 35.63
N THR B 74 3.53 11.17 34.79
CA THR B 74 3.42 11.36 33.34
C THR B 74 2.91 10.13 32.57
N SER B 75 2.01 10.36 31.61
CA SER B 75 1.54 9.32 30.71
C SER B 75 2.01 9.56 29.28
N ARG B 76 2.47 8.48 28.64
CA ARG B 76 3.00 8.55 27.28
C ARG B 76 1.89 8.53 26.23
N THR B 77 0.70 8.13 26.65
CA THR B 77 -0.44 8.02 25.76
C THR B 77 -1.14 9.36 25.59
N ALA B 78 -2.17 9.40 24.76
CA ALA B 78 -3.00 10.61 24.69
C ALA B 78 -3.86 10.71 25.95
N GLY B 79 -4.52 9.61 26.31
CA GLY B 79 -5.45 9.59 27.42
C GLY B 79 -4.81 9.74 28.79
N TYR B 80 -5.42 10.59 29.64
CA TYR B 80 -5.14 10.63 31.08
C TYR B 80 -6.21 9.96 31.99
N ASP B 81 -7.24 9.36 31.41
CA ASP B 81 -8.43 8.98 32.20
C ASP B 81 -8.18 8.01 33.34
N MET B 82 -6.97 7.47 33.42
CA MET B 82 -6.62 6.52 34.48
C MET B 82 -5.86 7.16 35.65
N ILE B 83 -5.55 8.45 35.52
CA ILE B 83 -4.88 9.23 36.57
C ILE B 83 -5.89 10.17 37.20
N ASP B 84 -5.90 10.25 38.53
CA ASP B 84 -6.87 11.10 39.23
C ASP B 84 -6.24 12.46 39.50
N LEU B 85 -6.68 13.47 38.76
CA LEU B 85 -6.00 14.75 38.75
C LEU B 85 -6.02 15.41 40.13
N GLU B 86 -7.18 15.35 40.79
CA GLU B 86 -7.35 15.87 42.13
C GLU B 86 -6.29 15.25 43.03
N GLN B 87 -6.29 13.92 43.06
CA GLN B 87 -5.38 13.15 43.90
C GLN B 87 -3.92 13.50 43.68
N ALA B 88 -3.55 13.73 42.41
CA ALA B 88 -2.23 14.20 42.07
C ALA B 88 -2.07 15.63 42.56
N SER B 89 -3.09 16.44 42.32
CA SER B 89 -3.04 17.85 42.68
C SER B 89 -2.68 18.06 44.16
N GLU B 90 -3.31 17.30 45.05
CA GLU B 90 -3.10 17.55 46.47
C GLU B 90 -1.79 16.96 46.96
N ARG B 91 -1.18 16.11 46.14
CA ARG B 91 0.08 15.47 46.50
C ARG B 91 1.30 16.19 45.92
N GLY B 92 1.06 17.32 45.28
CA GLY B 92 2.13 18.07 44.66
C GLY B 92 2.56 17.33 43.42
N LEU B 93 1.64 16.55 42.85
CA LEU B 93 1.92 15.81 41.62
C LEU B 93 1.30 16.48 40.40
N VAL B 94 2.16 17.06 39.55
CA VAL B 94 1.73 17.58 38.28
C VAL B 94 1.63 16.39 37.31
N VAL B 95 0.49 16.24 36.66
CA VAL B 95 0.28 15.12 35.75
C VAL B 95 0.21 15.54 34.27
N THR B 96 1.01 14.93 33.41
CA THR B 96 1.02 15.27 31.99
C THR B 96 0.71 14.07 31.08
N ASN B 97 0.38 14.38 29.82
CA ASN B 97 0.13 13.39 28.79
C ASN B 97 1.02 13.62 27.55
N VAL B 98 0.72 12.92 26.46
CA VAL B 98 1.39 13.15 25.19
C VAL B 98 0.39 12.97 24.05
N PRO B 99 -0.39 14.02 23.80
CA PRO B 99 -1.53 14.05 22.87
C PRO B 99 -1.13 13.88 21.42
N ALA B 100 -0.02 14.52 21.05
CA ALA B 100 0.35 14.56 19.64
C ALA B 100 1.65 13.81 19.33
N TYR B 101 1.49 12.72 18.61
CA TYR B 101 2.64 12.02 18.10
C TYR B 101 2.59 12.19 16.59
N SER B 102 3.60 11.68 15.89
CA SER B 102 3.76 11.97 14.47
C SER B 102 2.48 11.71 13.69
N PRO B 103 1.95 12.74 13.00
CA PRO B 103 0.76 12.61 12.15
C PRO B 103 1.03 11.73 10.96
N ASN B 104 2.31 11.45 10.66
CA ASN B 104 2.64 10.57 9.55
C ASN B 104 2.23 9.12 9.78
N SER B 105 2.34 8.66 11.02
CA SER B 105 2.02 7.29 11.38
C SER B 105 0.67 6.87 10.84
N VAL B 106 -0.38 7.52 11.31
CA VAL B 106 -1.75 7.28 10.83
C VAL B 106 -1.83 7.49 9.30
N ALA B 107 -1.30 8.62 8.82
CA ALA B 107 -1.35 9.00 7.40
C ALA B 107 -0.90 7.90 6.45
N GLU B 108 0.34 7.45 6.58
CA GLU B 108 0.80 6.37 5.70
C GLU B 108 -0.07 5.10 5.84
N LEU B 109 -0.78 4.92 6.96
CA LEU B 109 -1.73 3.80 7.02
C LEU B 109 -2.99 4.10 6.23
N ALA B 110 -3.38 5.36 6.15
CA ALA B 110 -4.52 5.71 5.32
C ALA B 110 -4.14 5.42 3.87
N LEU B 111 -2.94 5.85 3.50
CA LEU B 111 -2.36 5.60 2.18
C LEU B 111 -2.29 4.11 1.81
N THR B 112 -1.63 3.30 2.62
CA THR B 112 -1.53 1.87 2.35
C THR B 112 -2.90 1.26 2.12
N GLN B 113 -3.79 1.44 3.09
CA GLN B 113 -5.13 0.85 3.02
C GLN B 113 -5.80 1.23 1.73
N THR B 114 -5.75 2.52 1.41
CA THR B 114 -6.37 3.04 0.19
C THR B 114 -5.82 2.43 -1.08
N MET B 115 -4.49 2.47 -1.26
CA MET B 115 -3.89 1.82 -2.42
C MET B 115 -4.39 0.39 -2.65
N ARG B 116 -4.38 -0.44 -1.61
CA ARG B 116 -4.88 -1.83 -1.69
C ARG B 116 -6.26 -1.90 -2.35
N LEU B 117 -7.17 -1.08 -1.84
CA LEU B 117 -8.53 -1.06 -2.37
C LEU B 117 -8.53 -0.57 -3.82
N ILE B 118 -7.74 0.46 -4.08
CA ILE B 118 -7.59 1.00 -5.43
C ILE B 118 -7.15 -0.04 -6.46
N ARG B 119 -6.29 -0.97 -6.03
CA ARG B 119 -5.83 -2.00 -6.94
C ARG B 119 -6.76 -3.21 -6.93
N ASN B 120 -7.83 -3.12 -6.16
CA ASN B 120 -8.80 -4.20 -6.10
C ASN B 120 -8.20 -5.43 -5.48
N LEU B 121 -7.18 -5.23 -4.65
CA LEU B 121 -6.38 -6.34 -4.10
C LEU B 121 -7.13 -7.38 -3.24
N PRO B 122 -8.07 -6.96 -2.38
CA PRO B 122 -8.81 -7.94 -1.56
C PRO B 122 -9.58 -8.93 -2.41
N LEU B 123 -10.02 -8.49 -3.58
CA LEU B 123 -10.71 -9.39 -4.49
C LEU B 123 -9.73 -10.32 -5.21
N PHE B 124 -8.58 -9.82 -5.62
CA PHE B 124 -7.56 -10.72 -6.16
C PHE B 124 -7.27 -11.80 -5.14
N ASP B 125 -7.00 -11.37 -3.90
CA ASP B 125 -6.63 -12.25 -2.81
C ASP B 125 -7.72 -13.28 -2.52
N ALA B 126 -8.98 -12.85 -2.67
CA ALA B 126 -10.09 -13.77 -2.50
C ALA B 126 -10.10 -14.85 -3.60
N ARG B 127 -10.18 -14.40 -4.87
CA ARG B 127 -10.09 -15.29 -6.01
C ARG B 127 -8.92 -16.24 -5.91
N GLY B 128 -7.78 -15.70 -5.51
CA GLY B 128 -6.53 -16.45 -5.51
C GLY B 128 -6.39 -17.34 -4.29
N ALA B 129 -7.33 -17.23 -3.37
CA ALA B 129 -7.37 -18.15 -2.26
C ALA B 129 -7.79 -19.49 -2.82
N GLU B 130 -8.74 -19.43 -3.72
CA GLU B 130 -9.31 -20.63 -4.32
C GLU B 130 -8.58 -21.02 -5.58
N GLN B 131 -7.48 -20.32 -5.85
CA GLN B 131 -6.64 -20.60 -7.00
C GLN B 131 -7.37 -20.26 -8.28
N ASP B 132 -8.24 -19.26 -8.21
CA ASP B 132 -8.69 -18.63 -9.42
C ASP B 132 -7.71 -17.48 -9.57
N PHE B 133 -6.82 -17.59 -10.53
CA PHE B 133 -5.88 -16.52 -10.74
C PHE B 133 -6.29 -15.58 -11.88
N ARG B 134 -7.48 -15.78 -12.42
CA ARG B 134 -7.94 -14.96 -13.54
C ARG B 134 -8.03 -13.50 -13.11
N TRP B 135 -7.68 -12.58 -14.01
CA TRP B 135 -7.85 -11.16 -13.69
C TRP B 135 -9.10 -10.44 -14.23
N ALA B 136 -10.04 -11.18 -14.80
CA ALA B 136 -11.20 -10.59 -15.45
C ALA B 136 -11.92 -9.56 -14.57
N GLY B 137 -12.16 -8.37 -15.12
CA GLY B 137 -13.02 -7.37 -14.51
C GLY B 137 -12.46 -6.61 -13.31
N LEU B 138 -11.27 -6.98 -12.88
CA LEU B 138 -10.60 -6.36 -11.74
C LEU B 138 -9.69 -5.18 -12.09
N MET B 139 -9.80 -4.68 -13.33
CA MET B 139 -9.01 -3.52 -13.77
C MET B 139 -9.14 -2.41 -12.76
N ALA B 140 -7.99 -1.81 -12.42
CA ALA B 140 -7.86 -0.89 -11.29
C ALA B 140 -7.50 0.49 -11.81
N ARG B 141 -7.16 1.41 -10.90
CA ARG B 141 -6.83 2.77 -11.33
C ARG B 141 -5.49 3.34 -10.81
N GLU B 142 -5.03 4.42 -11.45
CA GLU B 142 -3.77 5.10 -11.10
C GLU B 142 -4.05 6.33 -10.25
N ILE B 143 -3.22 6.57 -9.24
CA ILE B 143 -3.57 7.61 -8.27
C ILE B 143 -3.77 8.99 -8.90
N ARG B 144 -2.88 9.40 -9.81
CA ARG B 144 -3.06 10.67 -10.54
C ARG B 144 -4.46 10.83 -11.16
N SER B 145 -5.13 9.71 -11.46
CA SER B 145 -6.48 9.74 -12.00
C SER B 145 -7.59 9.64 -10.93
N LEU B 146 -7.19 9.65 -9.66
CA LEU B 146 -8.12 9.63 -8.52
C LEU B 146 -8.27 11.03 -7.93
N THR B 147 -9.44 11.32 -7.37
CA THR B 147 -9.63 12.53 -6.58
C THR B 147 -9.92 12.11 -5.15
N VAL B 148 -9.09 12.54 -4.21
CA VAL B 148 -9.17 12.07 -2.83
C VAL B 148 -9.82 13.12 -1.96
N GLY B 149 -11.02 12.84 -1.48
CA GLY B 149 -11.70 13.66 -0.50
C GLY B 149 -11.18 13.47 0.92
N ILE B 150 -10.84 14.57 1.59
CA ILE B 150 -10.43 14.50 2.98
C ILE B 150 -11.36 15.35 3.81
N ILE B 151 -11.95 14.76 4.84
CA ILE B 151 -12.84 15.48 5.72
C ILE B 151 -12.06 15.70 7.01
N GLY B 152 -11.97 16.95 7.46
CA GLY B 152 -11.01 17.24 8.50
C GLY B 152 -9.56 17.29 8.02
N ALA B 153 -9.26 18.28 7.17
CA ALA B 153 -7.87 18.46 6.80
C ALA B 153 -7.21 19.10 8.04
N GLY B 154 -6.42 18.27 8.70
CA GLY B 154 -5.94 18.51 10.06
C GLY B 154 -4.45 18.68 10.14
N ARG B 155 -3.93 18.25 11.28
CA ARG B 155 -2.53 17.92 11.43
C ARG B 155 -2.43 16.68 10.56
N ILE B 156 -3.11 15.61 10.96
CA ILE B 156 -3.17 14.39 10.16
C ILE B 156 -3.82 14.59 8.79
N GLY B 157 -5.07 15.06 8.79
CA GLY B 157 -5.81 15.26 7.56
C GLY B 157 -4.98 15.99 6.54
N GLY B 158 -4.27 17.03 7.00
CA GLY B 158 -3.36 17.81 6.17
C GLY B 158 -2.19 17.01 5.63
N THR B 159 -1.46 16.32 6.52
CA THR B 159 -0.40 15.37 6.12
C THR B 159 -0.91 14.40 5.04
N VAL B 160 -2.08 13.82 5.27
CA VAL B 160 -2.66 12.95 4.26
C VAL B 160 -2.75 13.62 2.89
N ALA B 161 -3.38 14.78 2.79
CA ALA B 161 -3.52 15.43 1.50
C ALA B 161 -2.16 15.51 0.88
N ARG B 162 -1.21 16.11 1.61
CA ARG B 162 0.16 16.31 1.12
C ARG B 162 0.77 15.04 0.53
N LEU B 163 0.58 13.92 1.22
CA LEU B 163 0.97 12.62 0.68
C LEU B 163 0.42 12.44 -0.74
N PHE B 164 -0.91 12.38 -0.86
CA PHE B 164 -1.57 12.11 -2.14
C PHE B 164 -1.24 13.13 -3.25
N LYS B 165 -1.30 14.42 -2.92
CA LYS B 165 -0.92 15.47 -3.87
C LYS B 165 0.45 15.09 -4.46
N ALA B 166 1.43 14.85 -3.59
CA ALA B 166 2.74 14.34 -4.01
C ALA B 166 2.72 13.07 -4.92
N LEU B 167 1.75 12.17 -4.71
CA LEU B 167 1.66 10.95 -5.50
C LEU B 167 1.09 11.23 -6.86
N GLY B 168 0.62 12.47 -7.03
CA GLY B 168 0.00 12.90 -8.27
C GLY B 168 -1.52 13.00 -8.27
N ALA B 169 -2.16 12.56 -7.19
CA ALA B 169 -3.61 12.58 -7.14
C ALA B 169 -4.12 13.99 -7.01
N THR B 170 -5.44 14.11 -7.01
CA THR B 170 -6.10 15.40 -6.91
C THR B 170 -6.81 15.46 -5.56
N VAL B 171 -6.48 16.47 -4.76
CA VAL B 171 -6.94 16.48 -3.37
C VAL B 171 -7.93 17.60 -3.10
N ILE B 172 -9.15 17.23 -2.73
CA ILE B 172 -10.15 18.18 -2.27
C ILE B 172 -10.37 17.90 -0.80
N ALA B 173 -10.83 18.90 -0.05
CA ALA B 173 -11.03 18.73 1.40
C ALA B 173 -12.21 19.50 1.95
N ASN B 174 -12.96 18.86 2.85
CA ASN B 174 -14.00 19.54 3.60
C ASN B 174 -13.52 19.84 5.01
N ASP B 175 -13.50 21.12 5.38
CA ASP B 175 -13.10 21.50 6.72
C ASP B 175 -13.80 22.78 7.14
N ILE B 176 -14.07 22.92 8.43
CA ILE B 176 -14.72 24.13 8.94
C ILE B 176 -13.73 25.30 8.94
N VAL B 177 -12.44 24.99 8.81
CA VAL B 177 -11.42 26.03 8.79
C VAL B 177 -10.35 25.71 7.74
N GLU B 178 -9.94 26.72 6.99
CA GLU B 178 -8.96 26.48 5.96
C GLU B 178 -7.58 26.85 6.50
N ARG B 179 -6.58 26.03 6.17
CA ARG B 179 -5.20 26.37 6.44
C ARG B 179 -4.61 26.96 5.16
N VAL B 180 -3.90 28.07 5.26
CA VAL B 180 -3.22 28.57 4.06
C VAL B 180 -2.12 27.63 3.61
N GLU B 181 -1.51 26.94 4.57
CA GLU B 181 -0.38 26.06 4.27
C GLU B 181 -0.78 25.00 3.26
N LEU B 182 -2.08 24.73 3.19
CA LEU B 182 -2.60 23.69 2.32
C LEU B 182 -3.02 24.25 0.95
N LYS B 183 -2.70 25.52 0.73
CA LYS B 183 -3.23 26.23 -0.44
C LYS B 183 -2.92 25.64 -1.81
N ASP B 184 -1.74 25.04 -1.96
CA ASP B 184 -1.36 24.45 -3.24
C ASP B 184 -1.65 22.96 -3.24
N ILE B 185 -2.15 22.48 -2.10
CA ILE B 185 -2.41 21.05 -1.85
C ILE B 185 -3.88 20.64 -2.02
N VAL B 186 -4.77 21.23 -1.24
CA VAL B 186 -6.19 20.94 -1.43
C VAL B 186 -6.96 22.10 -2.05
N THR B 187 -8.01 21.73 -2.76
CA THR B 187 -9.06 22.64 -3.16
C THR B 187 -10.19 22.44 -2.13
N TYR B 188 -10.63 23.48 -1.45
CA TYR B 188 -11.61 23.31 -0.37
C TYR B 188 -13.07 23.31 -0.87
N VAL B 189 -13.88 22.38 -0.37
CA VAL B 189 -15.26 22.21 -0.87
C VAL B 189 -16.20 21.82 0.24
N SER B 190 -17.50 21.87 -0.04
CA SER B 190 -18.51 21.47 0.94
C SER B 190 -18.59 19.96 1.04
N LYS B 191 -19.03 19.45 2.20
CA LYS B 191 -19.16 18.01 2.38
C LYS B 191 -19.96 17.40 1.23
N GLU B 192 -20.96 18.13 0.75
CA GLU B 192 -21.85 17.58 -0.28
C GLU B 192 -21.15 17.47 -1.60
N GLU B 193 -20.23 18.38 -1.86
CA GLU B 193 -19.47 18.36 -3.11
C GLU B 193 -18.44 17.25 -3.09
N LEU B 194 -17.67 17.18 -2.00
CA LEU B 194 -16.66 16.14 -1.78
C LEU B 194 -17.28 14.76 -1.96
N LEU B 195 -18.26 14.42 -1.14
CA LEU B 195 -18.89 13.11 -1.27
C LEU B 195 -19.27 12.79 -2.73
N GLN B 196 -19.74 13.78 -3.48
CA GLN B 196 -20.14 13.54 -4.85
C GLN B 196 -18.96 13.31 -5.79
N ALA B 197 -17.92 14.11 -5.66
CA ALA B 197 -16.76 14.04 -6.57
C ALA B 197 -15.71 12.95 -6.26
N ALA B 198 -15.59 12.58 -4.98
CA ALA B 198 -14.45 11.78 -4.49
C ALA B 198 -14.49 10.27 -4.73
N ASP B 199 -13.40 9.76 -5.27
CA ASP B 199 -13.19 8.34 -5.48
C ASP B 199 -12.84 7.68 -4.16
N VAL B 200 -12.11 8.42 -3.32
CA VAL B 200 -11.79 7.98 -1.98
C VAL B 200 -12.11 9.09 -1.00
N VAL B 201 -12.85 8.75 0.06
CA VAL B 201 -13.15 9.67 1.15
C VAL B 201 -12.40 9.24 2.41
N THR B 202 -11.58 10.11 2.97
CA THR B 202 -10.90 9.72 4.21
C THR B 202 -11.19 10.66 5.39
N LEU B 203 -11.60 10.07 6.53
CA LEU B 203 -12.10 10.86 7.66
C LEU B 203 -10.97 11.13 8.63
N HIS B 204 -10.55 12.39 8.72
CA HIS B 204 -9.62 12.85 9.75
C HIS B 204 -10.07 13.77 10.93
N VAL B 205 -11.37 14.07 11.01
CA VAL B 205 -11.89 14.92 12.08
C VAL B 205 -11.78 14.29 13.47
N PRO B 206 -11.80 15.13 14.52
CA PRO B 206 -11.87 14.70 15.93
C PRO B 206 -13.28 14.22 16.30
N LEU B 207 -13.39 13.42 17.35
CA LEU B 207 -14.71 12.91 17.71
C LEU B 207 -15.40 13.85 18.70
N MET B 208 -16.43 14.53 18.19
CA MET B 208 -17.19 15.52 18.95
C MET B 208 -18.68 15.21 18.81
N ASP B 209 -19.50 15.86 19.63
CA ASP B 209 -20.92 15.84 19.38
C ASP B 209 -21.06 16.42 17.98
N SER B 210 -20.28 17.47 17.70
CA SER B 210 -20.27 18.09 16.39
C SER B 210 -20.15 17.09 15.22
N THR B 211 -19.15 16.21 15.29
CA THR B 211 -18.84 15.25 14.23
C THR B 211 -19.35 13.82 14.37
N THR B 212 -19.93 13.46 15.52
CA THR B 212 -20.39 12.09 15.72
C THR B 212 -21.41 11.66 14.65
N GLN B 213 -21.14 10.53 14.00
CA GLN B 213 -21.91 10.04 12.87
C GLN B 213 -22.03 10.99 11.71
N LEU B 214 -20.96 11.73 11.48
CA LEU B 214 -20.83 12.59 10.32
C LEU B 214 -21.12 11.87 9.00
N ILE B 215 -20.74 10.59 8.92
CA ILE B 215 -21.13 9.80 7.77
C ILE B 215 -22.43 9.11 8.15
N ASP B 216 -23.53 9.64 7.60
CA ASP B 216 -24.87 9.11 7.81
C ASP B 216 -25.33 8.58 6.45
N ALA B 217 -26.28 7.64 6.44
CA ALA B 217 -26.61 6.90 5.22
C ALA B 217 -26.95 7.76 3.98
N ASP B 218 -27.35 9.02 4.20
CA ASP B 218 -27.61 9.97 3.12
C ASP B 218 -26.31 10.60 2.62
N ALA B 219 -25.27 10.54 3.45
CA ALA B 219 -23.91 10.91 3.04
C ALA B 219 -23.25 9.77 2.28
N LEU B 220 -23.53 8.54 2.71
CA LEU B 220 -23.14 7.34 1.96
C LEU B 220 -23.92 7.25 0.64
N ALA B 221 -25.20 7.62 0.71
CA ALA B 221 -26.00 7.71 -0.48
C ALA B 221 -25.23 8.53 -1.51
N LEU B 222 -24.85 9.73 -1.12
CA LEU B 222 -24.21 10.70 -2.00
C LEU B 222 -22.93 10.24 -2.72
N MET B 223 -22.24 9.24 -2.14
CA MET B 223 -20.94 8.79 -2.67
C MET B 223 -21.04 7.93 -3.91
N LYS B 224 -20.00 7.98 -4.74
CA LYS B 224 -19.94 7.16 -5.94
C LYS B 224 -19.98 5.68 -5.62
N ASN B 225 -20.76 4.94 -6.40
CA ASN B 225 -20.92 3.49 -6.20
C ASN B 225 -19.59 2.72 -6.18
N ASP B 226 -18.60 3.23 -6.89
CA ASP B 226 -17.28 2.63 -6.96
C ASP B 226 -16.23 3.25 -6.05
N ALA B 227 -16.63 4.27 -5.29
CA ALA B 227 -15.74 4.97 -4.36
C ALA B 227 -15.58 4.21 -3.04
N VAL B 228 -14.50 4.48 -2.33
CA VAL B 228 -14.21 3.76 -1.09
C VAL B 228 -14.17 4.68 0.12
N LEU B 229 -14.40 4.13 1.28
CA LEU B 229 -14.45 4.91 2.49
C LEU B 229 -13.32 4.53 3.44
N ILE B 230 -12.51 5.51 3.84
CA ILE B 230 -11.39 5.25 4.73
C ILE B 230 -11.52 5.93 6.07
N ASN B 231 -11.78 5.16 7.13
CA ASN B 231 -11.89 5.78 8.43
C ASN B 231 -10.79 5.38 9.40
N ALA B 232 -9.80 6.27 9.52
CA ALA B 232 -8.72 6.09 10.47
C ALA B 232 -8.88 6.93 11.73
N SER B 233 -9.96 7.69 11.84
CA SER B 233 -10.04 8.64 12.95
C SER B 233 -10.67 8.01 14.16
N ARG B 234 -12.00 7.91 14.16
CA ARG B 234 -12.71 7.39 15.31
C ARG B 234 -13.99 6.67 14.87
N GLY B 235 -14.27 5.55 15.52
CA GLY B 235 -15.39 4.70 15.11
C GLY B 235 -16.73 5.38 14.97
N PRO B 236 -17.18 6.08 16.02
CA PRO B 236 -18.48 6.75 16.06
C PRO B 236 -18.63 7.90 15.06
N VAL B 237 -17.54 8.37 14.46
CA VAL B 237 -17.70 9.37 13.42
C VAL B 237 -18.51 8.77 12.27
N VAL B 238 -18.60 7.44 12.24
CA VAL B 238 -19.30 6.73 11.18
C VAL B 238 -20.49 5.98 11.72
N ASP B 239 -21.55 5.88 10.91
CA ASP B 239 -22.71 5.11 11.32
C ASP B 239 -22.45 3.67 10.87
N THR B 240 -22.10 2.83 11.84
CA THR B 240 -21.63 1.51 11.55
C THR B 240 -22.75 0.82 10.78
N ASP B 241 -23.97 1.01 11.24
CA ASP B 241 -25.12 0.35 10.62
C ASP B 241 -25.36 0.76 9.16
N ALA B 242 -25.31 2.07 8.89
CA ALA B 242 -25.51 2.59 7.54
C ALA B 242 -24.37 2.17 6.61
N LEU B 243 -23.17 2.14 7.16
CA LEU B 243 -22.03 1.61 6.44
C LEU B 243 -22.38 0.24 5.92
N ILE B 244 -22.65 -0.69 6.83
CA ILE B 244 -22.97 -2.06 6.46
C ILE B 244 -24.04 -2.04 5.38
N ALA B 245 -25.14 -1.35 5.65
CA ALA B 245 -26.24 -1.25 4.69
C ALA B 245 -25.75 -0.83 3.31
N ALA B 246 -25.01 0.27 3.24
CA ALA B 246 -24.52 0.75 1.95
C ALA B 246 -23.73 -0.33 1.23
N LEU B 247 -22.88 -1.03 1.99
CA LEU B 247 -21.97 -2.02 1.42
C LEU B 247 -22.71 -3.16 0.75
N GLN B 248 -23.67 -3.73 1.48
CA GLN B 248 -24.47 -4.84 0.98
C GLN B 248 -25.18 -4.45 -0.29
N ASN B 249 -25.82 -3.29 -0.25
CA ASN B 249 -26.57 -2.73 -1.37
C ASN B 249 -25.68 -2.22 -2.52
N LYS B 250 -24.36 -2.19 -2.30
CA LYS B 250 -23.38 -1.72 -3.27
C LYS B 250 -23.47 -0.22 -3.58
N GLN B 251 -23.98 0.52 -2.61
CA GLN B 251 -23.94 1.98 -2.65
C GLN B 251 -22.51 2.51 -2.77
N ILE B 252 -21.55 1.80 -2.18
CA ILE B 252 -20.13 2.08 -2.42
C ILE B 252 -19.27 0.83 -2.57
N ALA B 253 -18.03 1.07 -3.01
CA ALA B 253 -17.10 0.04 -3.44
C ALA B 253 -16.62 -0.87 -2.31
N GLY B 254 -16.17 -0.27 -1.22
CA GLY B 254 -15.56 -1.01 -0.12
C GLY B 254 -15.06 -0.04 0.94
N ALA B 255 -14.27 -0.54 1.87
CA ALA B 255 -13.80 0.34 2.94
C ALA B 255 -12.57 -0.17 3.71
N ALA B 256 -11.89 0.78 4.35
CA ALA B 256 -10.79 0.46 5.25
C ALA B 256 -11.15 1.05 6.61
N LEU B 257 -11.19 0.20 7.63
CA LEU B 257 -11.58 0.66 8.95
C LEU B 257 -10.45 0.35 9.94
N ASP B 258 -9.86 1.39 10.50
CA ASP B 258 -8.85 1.20 11.53
C ASP B 258 -9.48 1.32 12.89
N THR B 259 -10.68 1.88 12.90
CA THR B 259 -11.35 2.17 14.15
C THR B 259 -12.83 1.88 13.94
N LEU B 260 -13.40 1.15 14.87
CA LEU B 260 -14.78 0.71 14.71
C LEU B 260 -15.57 1.02 15.97
N ASN B 261 -16.88 1.09 15.83
CA ASN B 261 -17.78 1.34 16.95
C ASN B 261 -17.85 0.11 17.87
N GLY B 262 -17.52 0.33 19.14
CA GLY B 262 -17.55 -0.72 20.14
C GLY B 262 -16.27 -1.53 20.27
N GLU B 263 -15.16 -0.93 19.82
CA GLU B 263 -13.87 -1.60 19.72
C GLU B 263 -13.21 -1.85 21.07
N GLU B 264 -13.70 -1.18 22.11
CA GLU B 264 -13.12 -1.31 23.44
C GLU B 264 -13.38 -2.71 23.97
N HIS B 265 -14.37 -3.38 23.39
CA HIS B 265 -14.70 -4.76 23.73
C HIS B 265 -14.11 -5.81 22.74
N PHE B 266 -13.37 -5.37 21.73
CA PHE B 266 -12.59 -6.30 20.87
C PHE B 266 -11.10 -6.01 20.52
N PHE B 267 -10.78 -4.95 19.77
CA PHE B 267 -9.39 -4.74 19.30
C PHE B 267 -8.42 -4.85 20.44
N ASN B 268 -7.28 -5.48 20.17
CA ASN B 268 -6.26 -5.72 21.17
C ASN B 268 -6.73 -6.65 22.30
N GLN B 269 -7.37 -7.74 21.91
CA GLN B 269 -7.72 -8.83 22.82
C GLN B 269 -7.58 -10.16 22.09
N ASP B 270 -7.38 -11.26 22.82
CA ASP B 270 -7.33 -12.55 22.15
C ASP B 270 -8.76 -13.11 22.14
N LEU B 271 -9.37 -13.02 20.95
CA LEU B 271 -10.74 -13.45 20.65
C LEU B 271 -10.81 -14.82 19.99
N CYS B 272 -9.75 -15.60 20.14
CA CYS B 272 -9.38 -16.69 19.22
C CYS B 272 -10.34 -17.84 18.87
N GLY B 273 -11.63 -17.74 19.22
CA GLY B 273 -12.41 -18.92 19.51
C GLY B 273 -13.02 -18.73 20.88
N LYS B 274 -12.99 -17.47 21.30
CA LYS B 274 -14.08 -16.88 22.07
C LYS B 274 -15.19 -16.47 21.07
N GLU B 275 -16.18 -15.69 21.52
CA GLU B 275 -17.22 -15.20 20.62
C GLU B 275 -17.14 -13.67 20.41
N LEU B 276 -17.55 -13.20 19.24
CA LEU B 276 -17.45 -11.77 18.92
C LEU B 276 -18.62 -10.94 19.48
N PRO B 277 -18.31 -9.94 20.32
CA PRO B 277 -19.19 -9.04 21.08
C PRO B 277 -20.04 -8.05 20.26
N SER B 278 -19.67 -7.86 18.99
CA SER B 278 -20.32 -6.92 18.10
C SER B 278 -20.93 -7.68 16.94
N GLU B 279 -22.23 -7.51 16.75
CA GLU B 279 -22.87 -8.16 15.60
C GLU B 279 -22.36 -7.53 14.32
N GLN B 280 -21.99 -6.25 14.41
CA GLN B 280 -21.38 -5.55 13.28
C GLN B 280 -19.98 -6.08 12.98
N LEU B 281 -19.17 -6.29 14.00
CA LEU B 281 -17.88 -6.88 13.73
C LEU B 281 -18.15 -8.16 12.94
N LYS B 282 -19.02 -9.03 13.46
CA LYS B 282 -19.33 -10.29 12.78
C LYS B 282 -19.78 -10.10 11.32
N VAL B 283 -20.59 -9.07 11.05
CA VAL B 283 -21.16 -8.82 9.70
C VAL B 283 -20.18 -8.17 8.73
N LEU B 284 -19.23 -7.40 9.27
CA LEU B 284 -18.22 -6.74 8.45
C LEU B 284 -17.07 -7.67 8.07
N ARG B 285 -16.72 -8.58 8.97
CA ARG B 285 -15.69 -9.55 8.68
C ARG B 285 -16.20 -10.57 7.69
N THR B 286 -17.50 -10.54 7.38
CA THR B 286 -18.06 -11.40 6.32
C THR B 286 -18.26 -10.69 4.99
N LEU B 287 -17.91 -9.42 4.95
CA LEU B 287 -17.97 -8.62 3.73
C LEU B 287 -16.60 -8.63 3.06
N PRO B 288 -16.57 -9.05 1.80
CA PRO B 288 -15.34 -9.31 1.02
C PRO B 288 -14.47 -8.05 0.76
N ASN B 289 -15.16 -6.94 0.60
CA ASN B 289 -14.59 -5.71 0.07
C ASN B 289 -13.99 -4.82 1.14
N VAL B 290 -14.02 -5.29 2.39
CA VAL B 290 -13.76 -4.47 3.59
C VAL B 290 -12.57 -4.89 4.48
N LEU B 291 -11.58 -4.01 4.64
CA LEU B 291 -10.37 -4.28 5.45
C LEU B 291 -10.48 -3.70 6.87
N ILE B 292 -9.93 -4.41 7.86
CA ILE B 292 -10.02 -3.98 9.26
C ILE B 292 -8.71 -4.16 10.04
N THR B 293 -8.34 -3.10 10.76
CA THR B 293 -7.09 -3.06 11.48
C THR B 293 -7.36 -2.54 12.88
N PRO B 294 -6.66 -3.09 13.88
CA PRO B 294 -6.94 -2.87 15.30
C PRO B 294 -6.48 -1.54 15.86
N HIS B 295 -6.84 -0.45 15.18
CA HIS B 295 -6.47 0.88 15.63
C HIS B 295 -4.95 0.93 15.83
N ILE B 296 -4.25 0.39 14.83
CA ILE B 296 -2.80 0.45 14.73
C ILE B 296 -2.25 1.55 13.82
N GLY B 297 -3.10 2.42 13.32
CA GLY B 297 -2.58 3.46 12.46
C GLY B 297 -1.36 4.06 13.13
N PHE B 298 -1.50 4.42 14.39
CA PHE B 298 -0.45 5.11 15.12
C PHE B 298 0.89 4.37 15.10
N TYR B 299 0.85 3.04 15.03
CA TYR B 299 1.90 2.25 15.65
C TYR B 299 3.05 2.07 14.66
N THR B 300 4.07 2.89 14.87
CA THR B 300 5.22 3.02 13.97
C THR B 300 6.42 3.47 14.78
N ASN B 301 7.62 3.13 14.30
CA ASN B 301 8.88 3.46 14.99
C ASN B 301 9.04 4.92 15.41
N LYS B 302 8.66 5.84 14.52
CA LYS B 302 8.74 7.27 14.78
C LYS B 302 7.64 7.78 15.69
N ALA B 303 6.50 7.11 15.69
CA ALA B 303 5.43 7.53 16.57
C ALA B 303 5.74 7.06 17.98
N VAL B 304 6.13 5.80 18.13
CA VAL B 304 6.50 5.29 19.44
C VAL B 304 7.60 6.16 20.02
N GLN B 305 8.57 6.56 19.19
CA GLN B 305 9.67 7.41 19.62
C GLN B 305 9.17 8.74 20.21
N ASN B 306 8.28 9.43 19.52
CA ASN B 306 7.69 10.67 20.06
C ASN B 306 7.11 10.50 21.45
N MET B 307 6.27 9.50 21.65
CA MET B 307 5.68 9.28 22.95
C MET B 307 6.78 9.10 23.98
N VAL B 308 7.80 8.33 23.62
CA VAL B 308 8.94 8.08 24.51
C VAL B 308 9.74 9.35 24.79
N GLU B 309 10.12 10.06 23.73
CA GLU B 309 10.87 11.32 23.85
C GLU B 309 10.12 12.44 24.57
N ILE B 310 8.94 12.79 24.05
CA ILE B 310 8.11 13.85 24.61
C ILE B 310 7.78 13.63 26.07
N SER B 311 7.23 12.45 26.38
CA SER B 311 6.83 12.15 27.75
C SER B 311 7.99 12.29 28.73
N LEU B 312 9.20 11.98 28.26
CA LEU B 312 10.38 12.10 29.10
C LEU B 312 10.82 13.56 29.24
N ASN B 313 10.81 14.30 28.14
CA ASN B 313 11.07 15.74 28.19
C ASN B 313 10.11 16.51 29.08
N ASP B 314 8.86 16.06 29.10
CA ASP B 314 7.88 16.64 29.99
C ASP B 314 8.32 16.37 31.41
N VAL B 315 8.90 15.20 31.64
CA VAL B 315 9.36 14.91 32.99
C VAL B 315 10.50 15.82 33.39
N LEU B 316 11.46 16.02 32.50
CA LEU B 316 12.55 16.96 32.79
C LEU B 316 12.02 18.36 33.08
N ALA B 317 11.24 18.92 32.15
CA ALA B 317 10.75 20.28 32.31
C ALA B 317 10.14 20.47 33.71
N ILE B 318 9.17 19.64 34.07
CA ILE B 318 8.58 19.74 35.40
C ILE B 318 9.64 19.78 36.50
N LEU B 319 10.71 19.00 36.37
CA LEU B 319 11.76 18.96 37.38
C LEU B 319 12.65 20.18 37.40
N LYS B 320 13.22 20.56 36.26
CA LYS B 320 14.02 21.79 36.21
C LYS B 320 13.17 23.06 36.38
N THR B 321 12.18 23.22 35.50
CA THR B 321 11.30 24.41 35.50
C THR B 321 10.12 24.41 36.50
N GLY B 322 9.38 23.29 36.55
CA GLY B 322 8.16 23.19 37.34
C GLY B 322 6.91 23.24 36.47
N THR B 323 7.12 23.45 35.18
CA THR B 323 6.02 23.50 34.24
C THR B 323 6.31 22.70 32.95
N SER B 324 5.28 22.03 32.43
CA SER B 324 5.35 21.35 31.14
C SER B 324 4.25 21.89 30.24
N GLU B 325 4.48 21.89 28.94
CA GLU B 325 3.45 22.40 28.03
C GLU B 325 2.23 21.49 28.06
N HIS B 326 2.41 20.26 28.55
CA HIS B 326 1.33 19.25 28.54
C HIS B 326 0.53 19.02 29.83
N GLN B 327 0.77 19.81 30.87
CA GLN B 327 0.18 19.53 32.17
C GLN B 327 -1.30 19.82 32.30
N LEU B 328 -2.00 18.85 32.87
CA LEU B 328 -3.46 18.84 33.04
C LEU B 328 -4.01 19.26 34.43
N ASN B 329 -3.15 19.69 35.34
CA ASN B 329 -3.60 19.95 36.70
C ASN B 329 -2.96 21.16 37.40
N LYS B 330 -3.31 21.32 38.67
CA LYS B 330 -2.71 22.32 39.55
C LYS B 330 -2.37 21.61 40.87
N VAL B 331 -1.83 22.32 41.85
CA VAL B 331 -1.51 21.68 43.13
C VAL B 331 -2.40 22.14 44.34
N ALA B 332 -2.15 23.35 44.85
CA ALA B 332 -2.94 23.90 45.95
C ALA B 332 -4.08 24.79 45.45
PA NAD C . 13.58 -0.30 -19.08
O1A NAD C . 13.16 -1.17 -20.24
O2A NAD C . 13.88 1.12 -19.52
O5B NAD C . 14.91 -0.99 -18.49
C5B NAD C . 14.95 -1.34 -17.14
C4B NAD C . 16.22 -0.99 -16.46
O4B NAD C . 16.81 -2.14 -15.97
C3B NAD C . 17.14 -0.41 -17.45
O3B NAD C . 17.50 0.91 -17.08
C2B NAD C . 18.27 -1.26 -17.46
O2B NAD C . 19.49 -0.52 -17.51
C1B NAD C . 18.17 -1.97 -16.18
N9A NAD C . 18.97 -3.24 -16.17
C8A NAD C . 19.20 -4.02 -17.38
N7A NAD C . 20.22 -5.01 -17.02
C5A NAD C . 20.17 -4.99 -15.60
C6A NAD C . 21.46 -5.43 -15.14
N6A NAD C . 21.74 -6.76 -15.73
N1A NAD C . 21.43 -5.44 -13.69
C2A NAD C . 21.05 -4.15 -13.20
N3A NAD C . 19.91 -3.55 -13.84
C4A NAD C . 20.04 -3.65 -15.29
O3 NAD C . 12.48 -0.26 -17.98
PN NAD C . 11.11 -1.13 -18.01
O1N NAD C . 10.35 -1.02 -19.34
O2N NAD C . 10.19 -0.49 -16.92
O5D NAD C . 11.35 -2.63 -17.53
C5D NAD C . 10.22 -3.31 -17.12
C4D NAD C . 10.31 -4.58 -16.44
O4D NAD C . 9.01 -4.81 -15.79
C3D NAD C . 10.48 -5.66 -17.41
O3D NAD C . 11.19 -6.73 -16.86
C2D NAD C . 9.12 -6.11 -17.72
O2D NAD C . 9.11 -7.43 -17.99
C1D NAD C . 8.31 -5.81 -16.49
N1N NAD C . 6.83 -5.57 -16.76
C2N NAD C . 6.02 -6.10 -15.67
C3N NAD C . 4.58 -6.10 -16.14
C7N NAD C . 3.63 -6.31 -14.90
O7N NAD C . 2.46 -6.57 -15.07
N7N NAD C . 4.16 -6.18 -13.56
C4N NAD C . 4.14 -4.95 -16.92
C5N NAD C . 5.11 -3.87 -17.25
C6N NAD C . 6.57 -4.17 -17.07
PA NAD D . -6.88 18.34 14.42
O1A NAD D . -7.11 18.02 15.88
O2A NAD D . -5.99 19.55 14.24
O5B NAD D . -8.34 18.62 13.84
C5B NAD D . -8.79 17.89 12.73
C4B NAD D . -9.47 18.69 11.69
O4B NAD D . -10.77 18.23 11.53
C3B NAD D . -9.55 20.08 12.15
O3B NAD D . -8.87 20.95 11.27
C2B NAD D . -10.93 20.39 12.21
O2B NAD D . -11.21 21.69 11.70
C1B NAD D . -11.52 19.38 11.33
N9A NAD D . -13.00 19.19 11.60
C8A NAD D . -13.58 19.42 12.91
N7A NAD D . -15.03 19.41 12.70
C5A NAD D . -15.14 18.78 11.43
C6A NAD D . -16.40 19.24 10.87
N6A NAD D . -17.48 18.92 11.82
N1A NAD D . -16.55 18.62 9.57
C2A NAD D . -15.41 18.89 8.75
N3A NAD D . -14.13 18.71 9.39
C4A NAD D . -14.11 19.35 10.70
O3 NAD D . -6.24 17.12 13.68
PN NAD D . -5.94 15.67 14.35
O1N NAD D . -5.20 15.77 15.69
O2N NAD D . -4.98 14.95 13.35
O5D NAD D . -7.26 14.78 14.40
C5D NAD D . -7.05 13.43 14.55
C4D NAD D . -8.11 12.47 14.37
O4D NAD D . -7.48 11.16 14.18
C3D NAD D . -8.91 12.36 15.59
O3D NAD D . -10.22 12.01 15.31
C2D NAD D . -8.28 11.28 16.36
O2D NAD D . -9.20 10.61 17.09
C1D NAD D . -7.66 10.37 15.33
N1N NAD D . -6.46 9.59 15.85
C2N NAD D . -6.42 8.26 15.25
C3N NAD D . -5.40 7.44 16.00
C7N NAD D . -5.07 6.14 15.19
O7N NAD D . -4.44 5.23 15.71
N7N NAD D . -5.48 6.03 13.81
C4N NAD D . -4.18 8.14 16.40
C5N NAD D . -3.99 9.56 16.07
C6N NAD D . -5.23 10.34 15.68
#